data_9BQ9
#
_entry.id   9BQ9
#
_cell.length_a   70.098
_cell.length_b   92.624
_cell.length_c   126.901
_cell.angle_alpha   90.00
_cell.angle_beta   90.00
_cell.angle_gamma   90.00
#
_symmetry.space_group_name_H-M   'P 21 21 21'
#
loop_
_entity.id
_entity.type
_entity.pdbx_description
1 polymer 'DNA topoisomerase 2-alpha'
2 non-polymer 'PHOSPHOAMINOPHOSPHONIC ACID-ADENYLATE ESTER'
3 non-polymer 'MAGNESIUM ION'
4 non-polymer 8-(3,4-dihydroquinoline-1(2H)-carbonyl)-7-(2-hydroxyethoxy)-4-propyl-2H-1-benzopyran-2-one
5 non-polymer GLYCEROL
6 non-polymer 'CHLORIDE ION'
7 water water
#
_entity_poly.entity_id   1
_entity_poly.type   'polypeptide(L)'
_entity_poly.pdbx_seq_one_letter_code
;SNASVERIYQKKTQLEHILLRPDTYIGSVELVTQQMWVYDEDVGINYREVTFVPGLYKIFDEILVNAADNKQRDPKMSCI
RVTIDPENNLISIWNNGKGIPVVEHKVEKMYVPALIFGQLLTSSNYDDDEKKVTGGRNGYGAKLCNIFSTKFTVETASRE
YKKMFKQTWMDNMGRAGEMELKPFNGEDYTCITFQPDLSKFKMQSLDKDIVALMVRRAYDIAGSTKDVKVFLNGNKLPVK
GFRSYVDMYLKDKLDETGNSLKVIHEQVNHRWEVCLTMSEKGFQQISFVNSIATSKGGRHVDYVADQIVTKLVDVVKKKN
KGGVAVKAHQVKNHMWIFVNALIENPTFDSQTKENMTLQPKSFGSTCQLSEKFIKAAIGCGIVESILNWVKFKAQVQLN
;
_entity_poly.pdbx_strand_id   A,B
#
# COMPACT_ATOMS: atom_id res chain seq x y z
N ALA A 3 22.23 8.80 25.73
CA ALA A 3 22.54 8.72 24.30
C ALA A 3 23.52 7.57 24.02
N SER A 4 23.28 6.42 24.66
CA SER A 4 24.16 5.28 24.49
C SER A 4 23.84 4.53 23.20
N VAL A 5 24.82 3.73 22.77
CA VAL A 5 24.67 2.96 21.55
C VAL A 5 23.49 2.00 21.66
N GLU A 6 23.32 1.39 22.83
CA GLU A 6 22.25 0.40 23.02
C GLU A 6 20.87 1.05 23.06
N ARG A 7 20.80 2.35 23.38
CA ARG A 7 19.53 3.06 23.33
C ARG A 7 19.21 3.51 21.90
N ILE A 8 20.23 3.89 21.14
CA ILE A 8 20.03 4.37 19.78
C ILE A 8 19.66 3.22 18.86
N TYR A 9 20.50 2.19 18.82
CA TYR A 9 20.34 1.06 17.90
C TYR A 9 19.66 -0.08 18.65
N GLN A 10 18.44 -0.43 18.22
CA GLN A 10 17.63 -1.43 18.89
C GLN A 10 17.18 -2.49 17.90
N LYS A 11 17.08 -3.72 18.40
CA LYS A 11 16.51 -4.84 17.66
C LYS A 11 15.18 -5.22 18.31
N LYS A 12 14.19 -5.51 17.49
CA LYS A 12 12.86 -5.86 17.95
C LYS A 12 12.51 -7.28 17.54
N THR A 13 11.77 -7.98 18.39
CA THR A 13 11.18 -9.25 18.00
C THR A 13 10.04 -9.02 17.02
N GLN A 14 9.59 -10.11 16.39
CA GLN A 14 8.46 -10.00 15.46
C GLN A 14 7.23 -9.44 16.16
N LEU A 15 6.90 -9.98 17.33
CA LEU A 15 5.71 -9.54 18.05
C LEU A 15 5.85 -8.07 18.48
N GLU A 16 7.02 -7.69 19.01
CA GLU A 16 7.24 -6.30 19.40
C GLU A 16 7.10 -5.37 18.22
N HIS A 17 7.62 -5.76 17.06
CA HIS A 17 7.59 -4.89 15.88
C HIS A 17 6.15 -4.65 15.42
N ILE A 18 5.30 -5.67 15.50
CA ILE A 18 3.91 -5.54 15.08
C ILE A 18 3.17 -4.53 15.95
N LEU A 19 3.39 -4.60 17.27
CA LEU A 19 2.72 -3.68 18.17
C LEU A 19 3.32 -2.28 18.09
N LEU A 20 4.64 -2.19 17.83
CA LEU A 20 5.30 -0.90 17.73
C LEU A 20 5.04 -0.22 16.39
N ARG A 21 4.95 -1.00 15.32
CA ARG A 21 4.75 -0.48 13.96
C ARG A 21 3.58 -1.22 13.32
N PRO A 22 2.35 -0.95 13.78
CA PRO A 22 1.20 -1.73 13.28
C PRO A 22 0.76 -1.38 11.86
N ASP A 23 1.23 -0.25 11.30
CA ASP A 23 0.62 0.29 10.09
C ASP A 23 0.78 -0.63 8.88
N THR A 24 1.97 -1.21 8.69
CA THR A 24 2.10 -2.08 7.53
C THR A 24 1.47 -3.45 7.75
N TYR A 25 1.03 -3.76 8.97
CA TYR A 25 0.36 -5.03 9.23
C TYR A 25 -1.15 -4.92 9.14
N ILE A 26 -1.75 -3.94 9.81
CA ILE A 26 -3.20 -3.84 9.91
C ILE A 26 -3.74 -2.50 9.44
N GLY A 27 -2.90 -1.58 9.00
CA GLY A 27 -3.37 -0.24 8.71
C GLY A 27 -3.21 0.67 9.91
N SER A 28 -3.73 1.89 9.76
CA SER A 28 -3.51 2.91 10.79
C SER A 28 -4.24 2.55 12.08
N VAL A 29 -3.58 2.80 13.20
CA VAL A 29 -4.22 2.65 14.50
C VAL A 29 -4.69 3.98 15.06
N GLU A 30 -4.72 5.02 14.23
CA GLU A 30 -5.26 6.32 14.60
C GLU A 30 -6.60 6.53 13.90
N LEU A 31 -7.36 7.48 14.41
CA LEU A 31 -8.66 7.79 13.86
C LEU A 31 -8.56 8.34 12.44
N VAL A 32 -9.54 7.99 11.62
CA VAL A 32 -9.69 8.48 10.27
C VAL A 32 -11.12 8.95 10.11
N THR A 33 -11.31 10.08 9.43
CA THR A 33 -12.65 10.59 9.12
C THR A 33 -12.75 10.76 7.61
N GLN A 34 -13.64 9.99 6.99
CA GLN A 34 -13.78 10.00 5.54
C GLN A 34 -15.15 9.43 5.18
N GLN A 35 -15.57 9.66 3.95
CA GLN A 35 -16.84 9.14 3.48
C GLN A 35 -16.68 7.68 3.10
N MET A 36 -17.59 6.85 3.61
CA MET A 36 -17.54 5.41 3.44
C MET A 36 -18.94 4.91 3.17
N TRP A 37 -19.01 3.70 2.63
CA TRP A 37 -20.27 2.98 2.55
C TRP A 37 -20.42 2.16 3.83
N VAL A 38 -21.58 2.27 4.47
CA VAL A 38 -21.86 1.55 5.70
C VAL A 38 -23.29 1.01 5.61
N TYR A 39 -23.61 0.12 6.53
CA TYR A 39 -24.98 -0.37 6.70
C TYR A 39 -25.47 0.17 8.04
N ASP A 40 -26.31 1.20 7.98
CA ASP A 40 -26.90 1.77 9.19
C ASP A 40 -28.22 1.07 9.50
N GLU A 41 -28.49 0.92 10.79
CA GLU A 41 -29.71 0.25 11.21
C GLU A 41 -30.91 1.09 10.78
N ASP A 42 -31.90 0.44 10.16
CA ASP A 42 -33.12 1.09 9.69
C ASP A 42 -32.89 1.88 8.39
N VAL A 43 -31.63 2.09 8.00
CA VAL A 43 -31.36 2.84 6.79
C VAL A 43 -30.73 1.96 5.69
N GLY A 44 -29.96 0.95 6.06
CA GLY A 44 -29.37 0.08 5.08
C GLY A 44 -28.05 0.64 4.55
N ILE A 45 -27.74 0.27 3.30
CA ILE A 45 -26.52 0.72 2.64
C ILE A 45 -26.62 2.20 2.33
N ASN A 46 -25.67 3.00 2.80
CA ASN A 46 -25.67 4.42 2.49
C ASN A 46 -24.25 4.96 2.56
N TYR A 47 -24.06 6.12 1.93
CA TYR A 47 -22.76 6.75 1.76
C TYR A 47 -22.73 7.99 2.64
N ARG A 48 -21.86 7.98 3.65
CA ARG A 48 -21.80 9.09 4.59
C ARG A 48 -20.41 9.15 5.21
N GLU A 49 -20.17 10.26 5.91
CA GLU A 49 -18.91 10.43 6.62
C GLU A 49 -18.89 9.50 7.83
N VAL A 50 -17.75 8.86 8.05
CA VAL A 50 -17.56 7.91 9.12
C VAL A 50 -16.22 8.20 9.79
N THR A 51 -16.15 7.98 11.11
CA THR A 51 -14.91 8.10 11.87
C THR A 51 -14.63 6.76 12.52
N PHE A 52 -13.44 6.21 12.26
CA PHE A 52 -13.13 4.85 12.66
C PHE A 52 -11.61 4.66 12.61
N VAL A 53 -11.17 3.57 13.22
CA VAL A 53 -9.76 3.18 13.22
C VAL A 53 -9.58 2.06 12.20
N PRO A 54 -8.84 2.28 11.12
CA PRO A 54 -8.65 1.19 10.14
C PRO A 54 -8.15 -0.12 10.73
N GLY A 55 -7.18 -0.08 11.64
CA GLY A 55 -6.63 -1.33 12.17
C GLY A 55 -7.68 -2.19 12.86
N LEU A 56 -8.64 -1.56 13.53
CA LEU A 56 -9.71 -2.33 14.17
C LEU A 56 -10.63 -2.96 13.14
N TYR A 57 -11.00 -2.20 12.11
CA TYR A 57 -11.79 -2.74 11.01
C TYR A 57 -11.08 -3.93 10.37
N LYS A 58 -9.75 -3.86 10.30
CA LYS A 58 -8.96 -4.84 9.56
C LYS A 58 -8.83 -6.16 10.30
N ILE A 59 -8.67 -6.15 11.63
CA ILE A 59 -8.55 -7.45 12.31
C ILE A 59 -9.87 -8.20 12.25
N PHE A 60 -10.99 -7.49 12.23
CA PHE A 60 -12.26 -8.13 11.92
C PHE A 60 -12.25 -8.71 10.51
N ASP A 61 -11.75 -7.93 9.55
CA ASP A 61 -11.72 -8.37 8.15
C ASP A 61 -10.87 -9.63 7.99
N GLU A 62 -9.76 -9.73 8.72
CA GLU A 62 -8.88 -10.88 8.54
C GLU A 62 -9.60 -12.19 8.86
N ILE A 63 -10.35 -12.21 9.97
CA ILE A 63 -11.07 -13.41 10.36
C ILE A 63 -12.23 -13.67 9.42
N LEU A 64 -12.92 -12.62 8.98
CA LEU A 64 -14.08 -12.80 8.10
C LEU A 64 -13.64 -13.37 6.76
N VAL A 65 -12.54 -12.87 6.19
CA VAL A 65 -12.04 -13.40 4.93
C VAL A 65 -11.56 -14.83 5.09
N ASN A 66 -10.95 -15.15 6.24
CA ASN A 66 -10.54 -16.52 6.51
C ASN A 66 -11.74 -17.46 6.45
N ALA A 67 -12.88 -17.03 6.97
CA ALA A 67 -14.08 -17.85 6.90
C ALA A 67 -14.50 -18.07 5.45
N ALA A 68 -14.53 -17.01 4.65
CA ALA A 68 -14.89 -17.16 3.23
C ALA A 68 -13.87 -18.04 2.50
N ASP A 69 -12.60 -17.94 2.89
CA ASP A 69 -11.58 -18.80 2.28
C ASP A 69 -11.91 -20.27 2.41
N ASN A 70 -12.55 -20.65 3.51
CA ASN A 70 -12.86 -22.07 3.71
C ASN A 70 -13.84 -22.59 2.67
N LYS A 71 -14.65 -21.73 2.06
CA LYS A 71 -15.56 -22.18 1.01
C LYS A 71 -14.78 -22.68 -0.20
N GLN A 72 -13.64 -22.05 -0.50
CA GLN A 72 -12.79 -22.57 -1.56
C GLN A 72 -12.11 -23.86 -1.13
N ARG A 73 -11.71 -23.95 0.14
CA ARG A 73 -11.11 -25.18 0.65
C ARG A 73 -12.11 -26.33 0.67
N ASP A 74 -13.33 -26.08 1.15
CA ASP A 74 -14.37 -27.09 1.21
C ASP A 74 -15.65 -26.57 0.58
N PRO A 75 -15.97 -26.98 -0.66
CA PRO A 75 -17.21 -26.51 -1.28
C PRO A 75 -18.47 -26.92 -0.52
N LYS A 76 -18.38 -27.91 0.38
CA LYS A 76 -19.55 -28.31 1.16
C LYS A 76 -19.90 -27.26 2.22
N MET A 77 -18.99 -26.34 2.53
CA MET A 77 -19.31 -25.27 3.45
C MET A 77 -20.52 -24.49 2.94
N SER A 78 -21.39 -24.09 3.87
CA SER A 78 -22.65 -23.45 3.49
C SER A 78 -22.98 -22.18 4.26
N CYS A 79 -22.42 -21.94 5.44
CA CYS A 79 -22.85 -20.82 6.26
C CYS A 79 -21.69 -20.10 6.93
N ILE A 80 -21.83 -18.78 7.07
CA ILE A 80 -20.99 -17.95 7.92
C ILE A 80 -21.91 -17.23 8.90
N ARG A 81 -21.57 -17.27 10.18
CA ARG A 81 -22.37 -16.63 11.23
C ARG A 81 -21.48 -15.63 11.98
N VAL A 82 -21.89 -14.37 11.95
CA VAL A 82 -21.14 -13.29 12.58
C VAL A 82 -21.95 -12.76 13.76
N THR A 83 -21.29 -12.61 14.90
CA THR A 83 -21.88 -11.98 16.08
C THR A 83 -21.04 -10.76 16.46
N ILE A 84 -21.71 -9.64 16.74
CA ILE A 84 -21.08 -8.40 17.17
C ILE A 84 -21.83 -7.93 18.40
N ASP A 85 -21.15 -7.94 19.55
CA ASP A 85 -21.73 -7.57 20.84
C ASP A 85 -20.96 -6.37 21.37
N PRO A 86 -21.37 -5.14 21.05
CA PRO A 86 -20.60 -3.98 21.48
C PRO A 86 -20.52 -3.81 22.98
N GLU A 87 -21.60 -4.14 23.70
CA GLU A 87 -21.61 -3.93 25.14
C GLU A 87 -20.58 -4.80 25.84
N ASN A 88 -20.45 -6.06 25.43
CA ASN A 88 -19.47 -6.96 26.00
C ASN A 88 -18.18 -7.02 25.21
N ASN A 89 -18.03 -6.18 24.18
CA ASN A 89 -16.83 -6.11 23.34
C ASN A 89 -16.46 -7.49 22.80
N LEU A 90 -17.44 -8.13 22.17
CA LEU A 90 -17.31 -9.51 21.75
C LEU A 90 -17.69 -9.64 20.28
N ILE A 91 -16.81 -10.25 19.51
CA ILE A 91 -17.06 -10.54 18.11
C ILE A 91 -16.80 -12.04 17.92
N SER A 92 -17.71 -12.70 17.21
CA SER A 92 -17.57 -14.12 16.91
C SER A 92 -17.81 -14.33 15.42
N ILE A 93 -17.00 -15.20 14.80
CA ILE A 93 -17.13 -15.52 13.39
C ILE A 93 -17.07 -17.03 13.22
N TRP A 94 -18.14 -17.61 12.71
CA TRP A 94 -18.34 -19.05 12.66
C TRP A 94 -18.59 -19.48 11.22
N ASN A 95 -18.02 -20.62 10.83
CA ASN A 95 -18.24 -21.19 9.51
C ASN A 95 -18.30 -22.71 9.63
N ASN A 96 -19.09 -23.31 8.75
CA ASN A 96 -19.09 -24.77 8.65
C ASN A 96 -18.18 -25.18 7.49
N GLY A 97 -18.38 -26.37 6.96
CA GLY A 97 -17.39 -26.96 6.09
C GLY A 97 -16.28 -27.56 6.92
N LYS A 98 -15.26 -28.08 6.22
CA LYS A 98 -14.23 -28.85 6.88
C LYS A 98 -13.50 -28.01 7.93
N GLY A 99 -13.35 -28.58 9.11
CA GLY A 99 -12.60 -27.93 10.16
C GLY A 99 -11.10 -28.09 9.96
N ILE A 100 -10.35 -27.53 10.89
CA ILE A 100 -8.89 -27.62 10.86
C ILE A 100 -8.53 -28.97 11.45
N PRO A 101 -7.58 -29.71 10.86
CA PRO A 101 -7.22 -31.01 11.43
C PRO A 101 -6.72 -30.87 12.86
N VAL A 102 -7.34 -31.62 13.77
CA VAL A 102 -7.03 -31.57 15.19
C VAL A 102 -6.06 -32.72 15.44
N VAL A 103 -4.76 -32.43 15.30
CA VAL A 103 -3.72 -33.44 15.41
C VAL A 103 -2.41 -32.70 15.63
N GLU A 104 -1.44 -33.38 16.22
CA GLU A 104 -0.14 -32.78 16.45
C GLU A 104 0.62 -32.63 15.12
N HIS A 105 1.11 -31.43 14.87
CA HIS A 105 1.97 -31.18 13.71
C HIS A 105 3.30 -31.87 13.93
N LYS A 106 3.64 -32.85 13.09
CA LYS A 106 4.82 -33.67 13.32
C LYS A 106 6.12 -32.88 13.22
N VAL A 107 6.11 -31.73 12.57
CA VAL A 107 7.33 -30.94 12.40
C VAL A 107 7.46 -29.88 13.48
N GLU A 108 6.41 -29.08 13.69
CA GLU A 108 6.48 -28.02 14.69
C GLU A 108 6.18 -28.52 16.10
N LYS A 109 5.75 -29.77 16.25
CA LYS A 109 5.54 -30.41 17.55
C LYS A 109 4.52 -29.62 18.38
N MET A 110 3.33 -29.44 17.80
CA MET A 110 2.19 -28.87 18.48
C MET A 110 0.97 -29.08 17.61
N TYR A 111 -0.21 -28.95 18.21
CA TYR A 111 -1.44 -29.18 17.47
C TYR A 111 -1.65 -28.12 16.41
N VAL A 112 -2.20 -28.53 15.26
CA VAL A 112 -2.27 -27.64 14.10
C VAL A 112 -3.02 -26.34 14.39
N PRO A 113 -4.21 -26.35 15.01
CA PRO A 113 -4.89 -25.06 15.25
C PRO A 113 -4.06 -24.11 16.10
N ALA A 114 -3.37 -24.63 17.12
CA ALA A 114 -2.50 -23.77 17.91
C ALA A 114 -1.33 -23.25 17.08
N LEU A 115 -0.89 -24.01 16.08
CA LEU A 115 0.23 -23.59 15.25
C LEU A 115 -0.17 -22.42 14.35
N ILE A 116 -1.27 -22.55 13.62
CA ILE A 116 -1.62 -21.55 12.60
C ILE A 116 -2.36 -20.36 13.17
N PHE A 117 -2.70 -20.35 14.45
CA PHE A 117 -3.33 -19.19 15.07
C PHE A 117 -2.46 -18.52 16.13
N GLY A 118 -1.42 -19.20 16.64
CA GLY A 118 -0.61 -18.64 17.69
C GLY A 118 0.86 -18.47 17.34
N GLN A 119 1.23 -18.79 16.10
CA GLN A 119 2.61 -18.65 15.62
C GLN A 119 2.60 -17.86 14.33
N LEU A 120 3.42 -16.81 14.29
CA LEU A 120 3.50 -15.96 13.11
C LEU A 120 4.08 -16.72 11.91
N LEU A 121 3.72 -16.27 10.71
CA LEU A 121 4.23 -16.84 9.46
C LEU A 121 3.86 -18.32 9.31
N THR A 122 2.58 -18.62 9.54
CA THR A 122 2.05 -19.97 9.41
C THR A 122 0.84 -19.94 8.48
N SER A 123 0.80 -20.85 7.51
CA SER A 123 -0.21 -20.76 6.47
C SER A 123 -0.30 -22.08 5.71
N SER A 124 -1.44 -22.29 5.05
CA SER A 124 -1.58 -23.35 4.07
C SER A 124 -1.47 -22.82 2.64
N ASN A 125 -1.12 -21.55 2.49
CA ASN A 125 -1.08 -20.88 1.19
C ASN A 125 0.35 -20.53 0.75
N TYR A 126 1.35 -21.24 1.26
CA TYR A 126 2.74 -20.95 0.94
C TYR A 126 3.25 -21.70 -0.29
N ASP A 127 2.47 -22.62 -0.86
CA ASP A 127 2.87 -23.39 -2.03
C ASP A 127 2.12 -22.87 -3.26
N ASP A 128 2.76 -21.96 -4.01
CA ASP A 128 2.11 -21.35 -5.15
C ASP A 128 2.13 -22.23 -6.40
N ASP A 129 2.65 -23.45 -6.31
CA ASP A 129 2.39 -24.42 -7.38
C ASP A 129 0.91 -24.76 -7.43
N GLU A 130 0.22 -24.66 -6.29
CA GLU A 130 -1.23 -24.74 -6.25
C GLU A 130 -1.79 -23.36 -6.62
N LYS A 131 -2.62 -23.30 -7.66
CA LYS A 131 -3.19 -22.02 -8.09
C LYS A 131 -4.53 -21.84 -7.37
N LYS A 132 -4.50 -21.13 -6.25
CA LYS A 132 -5.65 -21.00 -5.37
C LYS A 132 -6.33 -19.63 -5.52
N VAL A 133 -7.64 -19.62 -5.28
CA VAL A 133 -8.41 -18.38 -5.34
C VAL A 133 -8.88 -18.00 -3.94
N THR A 134 -8.15 -18.47 -2.93
CA THR A 134 -8.41 -18.00 -1.58
C THR A 134 -7.82 -16.62 -1.41
N GLY A 135 -8.31 -15.90 -0.39
CA GLY A 135 -7.74 -14.62 -0.07
C GLY A 135 -6.48 -14.71 0.75
N GLY A 136 -6.29 -15.82 1.47
CA GLY A 136 -5.11 -15.94 2.31
C GLY A 136 -3.85 -16.12 1.48
N ARG A 137 -2.81 -15.40 1.86
CA ARG A 137 -1.55 -15.43 1.10
C ARG A 137 -0.32 -15.46 2.00
N ASN A 138 -0.31 -14.72 3.11
CA ASN A 138 0.94 -14.40 3.81
C ASN A 138 1.14 -15.12 5.13
N GLY A 139 0.11 -15.67 5.74
CA GLY A 139 0.27 -16.33 7.02
C GLY A 139 0.36 -15.39 8.21
N TYR A 140 -0.24 -14.21 8.11
CA TYR A 140 -0.27 -13.22 9.19
C TYR A 140 -1.66 -13.01 9.77
N GLY A 141 -2.66 -12.89 8.91
CA GLY A 141 -4.01 -12.46 9.25
C GLY A 141 -4.57 -12.84 10.59
N ALA A 142 -4.69 -14.14 10.86
CA ALA A 142 -5.31 -14.58 12.10
C ALA A 142 -4.47 -14.21 13.31
N LYS A 143 -3.14 -14.31 13.18
CA LYS A 143 -2.27 -13.94 14.28
C LYS A 143 -2.35 -12.45 14.58
N LEU A 144 -2.55 -11.63 13.55
CA LEU A 144 -2.69 -10.19 13.77
C LEU A 144 -3.95 -9.88 14.57
N CYS A 145 -5.07 -10.53 14.26
CA CYS A 145 -6.25 -10.35 15.08
C CYS A 145 -5.99 -10.78 16.52
N ASN A 146 -5.28 -11.90 16.70
CA ASN A 146 -4.91 -12.40 18.02
C ASN A 146 -4.07 -11.38 18.76
N ILE A 147 -3.05 -10.84 18.10
CA ILE A 147 -2.15 -9.87 18.72
C ILE A 147 -2.89 -8.61 19.13
N PHE A 148 -3.92 -8.22 18.38
CA PHE A 148 -4.65 -6.99 18.72
C PHE A 148 -5.95 -7.29 19.45
N SER A 149 -6.01 -8.41 20.16
CA SER A 149 -7.14 -8.75 21.02
C SER A 149 -6.65 -9.00 22.44
N THR A 150 -7.49 -8.66 23.41
CA THR A 150 -7.19 -9.04 24.79
C THR A 150 -7.55 -10.49 25.07
N LYS A 151 -8.45 -11.06 24.29
CA LYS A 151 -8.86 -12.45 24.43
C LYS A 151 -9.21 -12.96 23.04
N PHE A 152 -8.66 -14.11 22.68
CA PHE A 152 -8.77 -14.66 21.32
C PHE A 152 -8.90 -16.17 21.45
N THR A 153 -10.05 -16.70 21.07
CA THR A 153 -10.37 -18.11 21.26
C THR A 153 -10.58 -18.78 19.91
N VAL A 154 -9.96 -19.94 19.72
CA VAL A 154 -10.09 -20.74 18.51
C VAL A 154 -10.81 -22.03 18.88
N GLU A 155 -11.91 -22.30 18.18
CA GLU A 155 -12.65 -23.56 18.31
C GLU A 155 -12.85 -24.13 16.92
N THR A 156 -12.36 -25.35 16.70
CA THR A 156 -12.49 -26.02 15.42
C THR A 156 -12.68 -27.51 15.67
N ALA A 157 -13.57 -28.12 14.91
CA ALA A 157 -13.93 -29.53 15.08
C ALA A 157 -13.67 -30.27 13.78
N SER A 158 -12.90 -31.35 13.86
CA SER A 158 -12.57 -32.19 12.71
C SER A 158 -13.08 -33.59 12.97
N ARG A 159 -14.10 -34.01 12.21
CA ARG A 159 -14.56 -35.38 12.36
C ARG A 159 -13.52 -36.37 11.87
N GLU A 160 -12.83 -36.05 10.78
CA GLU A 160 -11.81 -36.93 10.23
C GLU A 160 -10.83 -37.39 11.32
N TYR A 161 -10.43 -36.47 12.19
CA TYR A 161 -9.59 -36.81 13.32
C TYR A 161 -10.38 -37.12 14.59
N LYS A 162 -11.72 -37.09 14.52
CA LYS A 162 -12.60 -37.44 15.63
C LYS A 162 -12.32 -36.60 16.87
N LYS A 163 -11.89 -35.35 16.69
CA LYS A 163 -11.58 -34.49 17.83
C LYS A 163 -12.08 -33.08 17.58
N MET A 164 -12.29 -32.36 18.68
CA MET A 164 -12.62 -30.95 18.67
C MET A 164 -11.56 -30.20 19.44
N PHE A 165 -11.15 -29.06 18.92
CA PHE A 165 -10.10 -28.24 19.50
C PHE A 165 -10.69 -26.96 20.09
N LYS A 166 -10.12 -26.52 21.21
CA LYS A 166 -10.47 -25.21 21.77
C LYS A 166 -9.34 -24.71 22.64
N GLN A 167 -8.86 -23.49 22.35
CA GLN A 167 -7.82 -22.87 23.16
C GLN A 167 -7.99 -21.36 23.07
N THR A 168 -7.63 -20.67 24.15
CA THR A 168 -7.79 -19.23 24.24
C THR A 168 -6.43 -18.58 24.45
N TRP A 169 -6.17 -17.53 23.69
CA TRP A 169 -5.01 -16.67 23.87
C TRP A 169 -5.46 -15.37 24.52
N MET A 170 -4.56 -14.77 25.30
CA MET A 170 -4.86 -13.53 25.99
C MET A 170 -3.67 -12.58 25.91
N ASP A 171 -3.94 -11.31 26.21
CA ASP A 171 -2.91 -10.29 26.36
C ASP A 171 -2.03 -10.18 25.11
N ASN A 172 -2.69 -9.85 23.99
CA ASN A 172 -2.01 -9.59 22.73
C ASN A 172 -1.13 -10.78 22.32
N MET A 173 -1.72 -11.97 22.38
CA MET A 173 -1.04 -13.23 22.09
C MET A 173 0.20 -13.40 22.97
N GLY A 174 0.19 -12.80 24.16
CA GLY A 174 1.29 -12.94 25.10
C GLY A 174 1.24 -14.21 25.90
N ARG A 175 0.07 -14.84 26.02
CA ARG A 175 -0.07 -16.10 26.74
C ARG A 175 -1.27 -16.86 26.19
N ALA A 176 -1.31 -18.16 26.49
CA ALA A 176 -2.39 -19.03 26.05
C ALA A 176 -2.95 -19.80 27.24
N GLY A 177 -4.26 -20.03 27.20
CA GLY A 177 -4.91 -20.83 28.20
C GLY A 177 -4.65 -22.30 27.97
N GLU A 178 -5.55 -23.13 28.50
CA GLU A 178 -5.42 -24.58 28.39
C GLU A 178 -6.13 -25.07 27.14
N MET A 179 -5.47 -25.99 26.43
CA MET A 179 -6.04 -26.60 25.24
C MET A 179 -7.06 -27.65 25.62
N GLU A 180 -8.27 -27.54 25.08
CA GLU A 180 -9.35 -28.49 25.34
C GLU A 180 -9.51 -29.41 24.13
N LEU A 181 -9.29 -30.70 24.34
CA LEU A 181 -9.51 -31.71 23.32
C LEU A 181 -10.66 -32.61 23.77
N LYS A 182 -11.66 -32.77 22.91
CA LYS A 182 -12.83 -33.58 23.18
C LYS A 182 -13.11 -34.48 22.00
N PRO A 183 -13.64 -35.68 22.23
CA PRO A 183 -14.08 -36.52 21.11
C PRO A 183 -15.18 -35.80 20.33
N PHE A 184 -15.15 -35.98 19.02
CA PHE A 184 -16.08 -35.29 18.14
C PHE A 184 -16.46 -36.21 16.99
N ASN A 185 -17.75 -36.15 16.60
CA ASN A 185 -18.23 -36.97 15.48
C ASN A 185 -19.41 -36.30 14.79
N GLY A 186 -19.47 -34.97 14.82
CA GLY A 186 -20.56 -34.24 14.22
C GLY A 186 -20.13 -33.50 12.97
N GLU A 187 -20.89 -32.48 12.62
CA GLU A 187 -20.59 -31.66 11.46
C GLU A 187 -19.45 -30.70 11.77
N ASP A 188 -18.43 -30.68 10.92
CA ASP A 188 -17.27 -29.84 11.14
C ASP A 188 -17.65 -28.37 11.17
N TYR A 189 -16.87 -27.59 11.91
CA TYR A 189 -17.05 -26.15 11.99
C TYR A 189 -15.78 -25.54 12.55
N THR A 190 -15.66 -24.22 12.38
CA THR A 190 -14.62 -23.41 13.01
C THR A 190 -15.24 -22.11 13.50
N CYS A 191 -14.96 -21.75 14.74
CA CYS A 191 -15.50 -20.53 15.34
C CYS A 191 -14.35 -19.75 15.98
N ILE A 192 -14.19 -18.49 15.56
CA ILE A 192 -13.19 -17.60 16.12
C ILE A 192 -13.93 -16.53 16.93
N THR A 193 -13.63 -16.44 18.22
CA THR A 193 -14.25 -15.48 19.12
C THR A 193 -13.15 -14.65 19.77
N PHE A 194 -13.23 -13.33 19.63
CA PHE A 194 -12.18 -12.47 20.12
C PHE A 194 -12.78 -11.18 20.67
N GLN A 195 -12.08 -10.61 21.65
CA GLN A 195 -12.40 -9.29 22.17
C GLN A 195 -11.30 -8.35 21.73
N PRO A 196 -11.57 -7.42 20.82
CA PRO A 196 -10.49 -6.55 20.32
C PRO A 196 -9.93 -5.67 21.42
N ASP A 197 -8.61 -5.50 21.41
CA ASP A 197 -7.92 -4.66 22.40
C ASP A 197 -8.12 -3.21 22.00
N LEU A 198 -9.25 -2.64 22.44
CA LEU A 198 -9.62 -1.27 22.07
C LEU A 198 -8.64 -0.24 22.58
N SER A 199 -7.87 -0.53 23.62
CA SER A 199 -6.85 0.43 24.05
C SER A 199 -5.79 0.61 22.97
N LYS A 200 -5.50 -0.44 22.20
CA LYS A 200 -4.53 -0.31 21.11
C LYS A 200 -5.03 0.65 20.03
N PHE A 201 -6.34 0.86 19.94
CA PHE A 201 -6.93 1.72 18.93
C PHE A 201 -7.44 3.04 19.51
N LYS A 202 -7.16 3.31 20.79
CA LYS A 202 -7.65 4.50 21.47
C LYS A 202 -9.17 4.59 21.36
N MET A 203 -9.84 3.45 21.52
CA MET A 203 -11.28 3.42 21.56
CA MET A 203 -11.29 3.36 21.52
C MET A 203 -11.77 2.89 22.88
N GLN A 204 -13.03 3.21 23.19
CA GLN A 204 -13.69 2.74 24.40
C GLN A 204 -14.70 1.64 24.14
N SER A 205 -15.29 1.58 22.95
CA SER A 205 -16.28 0.56 22.64
C SER A 205 -16.44 0.48 21.12
N LEU A 206 -17.10 -0.58 20.68
CA LEU A 206 -17.47 -0.74 19.27
C LEU A 206 -18.67 0.16 18.99
N ASP A 207 -18.39 1.39 18.57
CA ASP A 207 -19.43 2.40 18.45
C ASP A 207 -20.22 2.23 17.16
N LYS A 208 -21.16 3.16 16.93
CA LYS A 208 -22.08 3.05 15.81
C LYS A 208 -21.34 2.95 14.47
N ASP A 209 -20.30 3.74 14.29
CA ASP A 209 -19.64 3.81 12.99
C ASP A 209 -18.90 2.53 12.66
N ILE A 210 -18.14 1.97 13.62
CA ILE A 210 -17.40 0.77 13.30
C ILE A 210 -18.35 -0.42 13.17
N VAL A 211 -19.45 -0.43 13.92
CA VAL A 211 -20.43 -1.49 13.74
C VAL A 211 -21.08 -1.38 12.37
N ALA A 212 -21.41 -0.15 11.94
CA ALA A 212 -21.98 0.02 10.62
C ALA A 212 -21.04 -0.45 9.53
N LEU A 213 -19.72 -0.27 9.73
CA LEU A 213 -18.72 -0.77 8.79
C LEU A 213 -18.60 -2.29 8.83
N MET A 214 -18.58 -2.86 10.02
CA MET A 214 -18.49 -4.32 10.13
C MET A 214 -19.72 -4.99 9.54
N VAL A 215 -20.89 -4.39 9.72
CA VAL A 215 -22.12 -4.95 9.17
C VAL A 215 -22.11 -4.89 7.65
N ARG A 216 -21.72 -3.73 7.09
CA ARG A 216 -21.63 -3.64 5.64
C ARG A 216 -20.64 -4.64 5.09
N ARG A 217 -19.58 -4.94 5.85
CA ARG A 217 -18.61 -5.93 5.42
C ARG A 217 -19.23 -7.32 5.38
N ALA A 218 -20.13 -7.62 6.31
CA ALA A 218 -20.86 -8.89 6.26
C ALA A 218 -21.74 -8.97 5.02
N TYR A 219 -22.36 -7.84 4.64
CA TYR A 219 -23.11 -7.80 3.39
C TYR A 219 -22.18 -7.99 2.19
N ASP A 220 -20.95 -7.46 2.26
CA ASP A 220 -19.97 -7.68 1.20
C ASP A 220 -19.77 -9.18 0.97
N ILE A 221 -19.54 -9.92 2.05
CA ILE A 221 -19.30 -11.35 1.94
C ILE A 221 -20.51 -12.05 1.33
N ALA A 222 -21.72 -11.68 1.77
CA ALA A 222 -22.91 -12.28 1.20
C ALA A 222 -23.03 -11.98 -0.29
N GLY A 223 -22.53 -10.82 -0.73
CA GLY A 223 -22.63 -10.47 -2.13
C GLY A 223 -21.47 -10.99 -2.96
N SER A 224 -20.32 -11.22 -2.36
CA SER A 224 -19.16 -11.60 -3.15
C SER A 224 -18.94 -13.11 -3.24
N THR A 225 -19.45 -13.88 -2.28
CA THR A 225 -19.30 -15.32 -2.31
C THR A 225 -20.44 -15.95 -3.09
N LYS A 226 -20.30 -17.25 -3.31
CA LYS A 226 -21.34 -18.06 -3.95
C LYS A 226 -21.71 -19.21 -3.03
N ASP A 227 -23.01 -19.45 -2.90
CA ASP A 227 -23.53 -20.59 -2.15
C ASP A 227 -23.06 -20.55 -0.69
N VAL A 228 -23.10 -19.37 -0.09
CA VAL A 228 -22.78 -19.19 1.32
C VAL A 228 -23.84 -18.31 1.94
N LYS A 229 -24.56 -18.83 2.92
CA LYS A 229 -25.52 -18.04 3.68
C LYS A 229 -24.76 -17.27 4.75
N VAL A 230 -25.06 -15.98 4.90
CA VAL A 230 -24.39 -15.11 5.86
C VAL A 230 -25.40 -14.63 6.88
N PHE A 231 -25.12 -14.88 8.17
CA PHE A 231 -25.96 -14.43 9.26
C PHE A 231 -25.24 -13.36 10.07
N LEU A 232 -26.01 -12.38 10.56
CA LEU A 232 -25.49 -11.32 11.40
C LEU A 232 -26.35 -11.26 12.64
N ASN A 233 -25.75 -11.62 13.79
CA ASN A 233 -26.47 -11.68 15.06
C ASN A 233 -27.71 -12.55 14.98
N GLY A 234 -27.56 -13.72 14.34
CA GLY A 234 -28.65 -14.68 14.20
C GLY A 234 -29.66 -14.38 13.12
N ASN A 235 -29.51 -13.27 12.39
CA ASN A 235 -30.41 -12.89 11.33
C ASN A 235 -29.74 -13.11 9.98
N LYS A 236 -30.41 -13.84 9.08
CA LYS A 236 -29.87 -14.07 7.76
C LYS A 236 -29.92 -12.79 6.95
N LEU A 237 -28.84 -12.53 6.20
CA LEU A 237 -28.74 -11.32 5.38
C LEU A 237 -29.38 -11.55 4.03
N PRO A 238 -30.35 -10.71 3.62
CA PRO A 238 -31.12 -10.94 2.37
C PRO A 238 -30.36 -10.52 1.12
N VAL A 239 -29.32 -11.29 0.79
CA VAL A 239 -28.48 -11.03 -0.38
C VAL A 239 -28.42 -12.30 -1.21
N LYS A 240 -28.67 -12.16 -2.51
CA LYS A 240 -28.63 -13.29 -3.44
C LYS A 240 -27.84 -12.89 -4.68
N GLY A 241 -26.53 -13.09 -4.65
CA GLY A 241 -25.70 -12.80 -5.79
C GLY A 241 -25.13 -11.39 -5.76
N PHE A 242 -24.10 -11.19 -6.60
CA PHE A 242 -23.43 -9.89 -6.64
C PHE A 242 -24.32 -8.82 -7.23
N ARG A 243 -25.22 -9.20 -8.14
CA ARG A 243 -26.09 -8.20 -8.77
CA ARG A 243 -26.11 -8.22 -8.78
C ARG A 243 -27.07 -7.60 -7.76
N SER A 244 -27.60 -8.43 -6.86
CA SER A 244 -28.51 -7.90 -5.84
C SER A 244 -27.77 -7.05 -4.81
N TYR A 245 -26.51 -7.40 -4.52
CA TYR A 245 -25.70 -6.59 -3.63
C TYR A 245 -25.46 -5.22 -4.23
N VAL A 246 -25.06 -5.18 -5.51
CA VAL A 246 -24.80 -3.91 -6.17
C VAL A 246 -26.06 -3.05 -6.21
N ASP A 247 -27.22 -3.68 -6.34
CA ASP A 247 -28.47 -2.91 -6.40
C ASP A 247 -28.66 -2.09 -5.13
N MET A 248 -28.24 -2.62 -3.98
CA MET A 248 -28.37 -1.90 -2.71
C MET A 248 -27.66 -0.55 -2.75
N TYR A 249 -26.67 -0.38 -3.63
CA TYR A 249 -26.00 0.90 -3.77
C TYR A 249 -26.72 1.83 -4.73
N LEU A 250 -27.26 1.27 -5.82
CA LEU A 250 -27.81 2.05 -6.92
C LEU A 250 -29.30 2.30 -6.81
N LYS A 251 -30.05 1.40 -6.16
CA LYS A 251 -31.50 1.53 -5.99
C LYS A 251 -31.93 2.96 -5.71
N ASP A 252 -32.79 3.48 -6.57
CA ASP A 252 -33.40 4.81 -6.50
C ASP A 252 -32.38 5.95 -6.56
N LYS A 253 -31.14 5.69 -6.94
CA LYS A 253 -30.21 6.80 -7.14
C LYS A 253 -30.55 7.53 -8.44
N LEU A 254 -30.35 8.85 -8.42
CA LEU A 254 -30.62 9.71 -9.57
C LEU A 254 -29.38 10.55 -9.86
N ASP A 255 -29.21 10.92 -11.13
CA ASP A 255 -28.18 11.90 -11.44
C ASP A 255 -28.68 13.29 -11.04
N GLU A 256 -27.83 14.30 -11.26
CA GLU A 256 -28.21 15.66 -10.87
C GLU A 256 -29.38 16.19 -11.68
N THR A 257 -29.54 15.72 -12.93
CA THR A 257 -30.62 16.22 -13.77
C THR A 257 -31.98 15.64 -13.39
N GLY A 258 -32.01 14.50 -12.71
CA GLY A 258 -33.25 13.88 -12.29
C GLY A 258 -33.55 12.55 -12.96
N ASN A 259 -32.64 12.06 -13.81
CA ASN A 259 -32.84 10.79 -14.49
C ASN A 259 -32.25 9.65 -13.68
N SER A 260 -32.93 8.50 -13.70
CA SER A 260 -32.43 7.33 -13.00
C SER A 260 -31.14 6.84 -13.63
N LEU A 261 -30.24 6.34 -12.79
CA LEU A 261 -28.95 5.87 -13.26
C LEU A 261 -29.14 4.61 -14.11
N LYS A 262 -28.59 4.62 -15.32
CA LYS A 262 -28.64 3.46 -16.18
C LYS A 262 -27.51 2.52 -15.78
N VAL A 263 -27.85 1.24 -15.57
CA VAL A 263 -26.94 0.26 -15.01
C VAL A 263 -26.73 -0.88 -16.01
N ILE A 264 -25.46 -1.14 -16.33
CA ILE A 264 -25.07 -2.21 -17.25
C ILE A 264 -24.42 -3.32 -16.43
N HIS A 265 -24.91 -4.54 -16.62
CA HIS A 265 -24.45 -5.69 -15.84
C HIS A 265 -24.10 -6.86 -16.73
N GLU A 266 -23.05 -7.60 -16.36
CA GLU A 266 -22.74 -8.86 -17.02
C GLU A 266 -21.94 -9.74 -16.07
N GLN A 267 -22.40 -10.97 -15.88
CA GLN A 267 -21.60 -12.01 -15.24
C GLN A 267 -20.79 -12.68 -16.35
N VAL A 268 -19.55 -12.22 -16.53
CA VAL A 268 -18.73 -12.66 -17.66
C VAL A 268 -18.47 -14.16 -17.58
N ASN A 269 -18.11 -14.65 -16.39
CA ASN A 269 -17.95 -16.09 -16.18
C ASN A 269 -18.04 -16.36 -14.69
N HIS A 270 -17.70 -17.58 -14.29
CA HIS A 270 -17.78 -17.94 -12.88
C HIS A 270 -16.74 -17.25 -12.01
N ARG A 271 -15.82 -16.48 -12.58
CA ARG A 271 -14.82 -15.78 -11.78
C ARG A 271 -14.85 -14.27 -11.95
N TRP A 272 -15.75 -13.74 -12.77
CA TRP A 272 -15.83 -12.31 -13.02
C TRP A 272 -17.29 -11.90 -13.14
N GLU A 273 -17.65 -10.85 -12.41
CA GLU A 273 -18.98 -10.25 -12.52
C GLU A 273 -18.79 -8.74 -12.44
N VAL A 274 -19.37 -8.02 -13.40
CA VAL A 274 -19.10 -6.60 -13.58
C VAL A 274 -20.41 -5.84 -13.71
N CYS A 275 -20.53 -4.75 -12.96
CA CYS A 275 -21.63 -3.80 -13.08
CA CYS A 275 -21.63 -3.80 -13.09
C CYS A 275 -21.06 -2.42 -13.37
N LEU A 276 -21.72 -1.67 -14.25
CA LEU A 276 -21.25 -0.36 -14.64
C LEU A 276 -22.40 0.64 -14.63
N THR A 277 -22.21 1.75 -13.94
CA THR A 277 -23.15 2.84 -14.00
C THR A 277 -22.39 4.15 -14.15
N MET A 278 -23.05 5.27 -13.97
CA MET A 278 -22.45 6.57 -14.21
C MET A 278 -22.14 7.27 -12.89
N SER A 279 -21.04 8.01 -12.87
CA SER A 279 -20.58 8.71 -11.67
C SER A 279 -20.46 10.21 -11.93
N GLU A 280 -20.86 11.01 -10.93
CA GLU A 280 -20.78 12.46 -11.00
C GLU A 280 -19.74 13.04 -10.07
N LYS A 281 -18.89 12.21 -9.46
CA LYS A 281 -17.87 12.68 -8.54
C LYS A 281 -16.49 12.16 -8.95
N GLY A 282 -16.28 11.94 -10.24
CA GLY A 282 -15.08 11.31 -10.71
C GLY A 282 -15.19 9.80 -10.74
N PHE A 283 -14.07 9.17 -11.08
CA PHE A 283 -14.06 7.72 -11.19
C PHE A 283 -14.29 7.07 -9.83
N GLN A 284 -15.28 6.19 -9.76
CA GLN A 284 -15.56 5.41 -8.56
C GLN A 284 -15.45 3.94 -8.88
N GLN A 285 -14.91 3.17 -7.94
CA GLN A 285 -14.85 1.72 -8.08
C GLN A 285 -15.15 1.07 -6.74
N ILE A 286 -15.90 -0.03 -6.79
CA ILE A 286 -16.13 -0.92 -5.66
C ILE A 286 -15.81 -2.33 -6.15
N SER A 287 -14.76 -2.93 -5.61
CA SER A 287 -14.26 -4.18 -6.18
C SER A 287 -13.90 -5.15 -5.07
N PHE A 288 -13.85 -6.44 -5.45
CA PHE A 288 -13.47 -7.51 -4.55
C PHE A 288 -12.58 -8.50 -5.29
N VAL A 289 -11.54 -8.97 -4.62
CA VAL A 289 -10.69 -10.05 -5.11
C VAL A 289 -10.71 -11.16 -4.07
N ASN A 290 -11.25 -12.32 -4.44
CA ASN A 290 -11.33 -13.45 -3.51
C ASN A 290 -12.00 -13.02 -2.19
N SER A 291 -13.06 -12.22 -2.32
CA SER A 291 -13.88 -11.67 -1.22
C SER A 291 -13.14 -10.63 -0.37
N ILE A 292 -11.94 -10.20 -0.78
CA ILE A 292 -11.24 -9.09 -0.13
C ILE A 292 -11.72 -7.80 -0.76
N ALA A 293 -12.08 -6.82 0.07
CA ALA A 293 -12.48 -5.51 -0.43
C ALA A 293 -11.21 -4.76 -0.86
N THR A 294 -10.98 -4.65 -2.16
CA THR A 294 -9.80 -3.96 -2.68
C THR A 294 -10.14 -2.48 -2.84
N SER A 295 -10.09 -1.76 -1.72
CA SER A 295 -10.55 -0.38 -1.67
C SER A 295 -9.64 0.59 -2.39
N LYS A 296 -8.40 0.19 -2.69
CA LYS A 296 -7.52 1.01 -3.52
C LYS A 296 -7.48 0.51 -4.96
N GLY A 297 -8.28 -0.51 -5.28
CA GLY A 297 -8.38 -0.98 -6.64
C GLY A 297 -7.36 -2.04 -6.96
N GLY A 298 -6.78 -1.96 -8.15
CA GLY A 298 -5.78 -2.92 -8.56
C GLY A 298 -5.93 -3.26 -10.02
N ARG A 299 -5.07 -4.16 -10.50
CA ARG A 299 -5.05 -4.45 -11.94
C ARG A 299 -6.30 -5.18 -12.42
N HIS A 300 -7.06 -5.78 -11.50
CA HIS A 300 -8.34 -6.36 -11.89
C HIS A 300 -9.34 -5.28 -12.26
N VAL A 301 -9.29 -4.14 -11.56
CA VAL A 301 -10.19 -3.04 -11.89
C VAL A 301 -9.74 -2.36 -13.18
N ASP A 302 -8.45 -2.08 -13.30
CA ASP A 302 -7.93 -1.50 -14.54
C ASP A 302 -8.24 -2.41 -15.73
N TYR A 303 -8.11 -3.72 -15.54
CA TYR A 303 -8.34 -4.67 -16.63
C TYR A 303 -9.76 -4.57 -17.18
N VAL A 304 -10.73 -4.34 -16.31
CA VAL A 304 -12.11 -4.22 -16.77
C VAL A 304 -12.40 -2.82 -17.27
N ALA A 305 -11.98 -1.81 -16.50
CA ALA A 305 -12.31 -0.43 -16.85
C ALA A 305 -11.63 0.02 -18.14
N ASP A 306 -10.40 -0.44 -18.38
CA ASP A 306 -9.68 -0.01 -19.57
C ASP A 306 -10.32 -0.56 -20.85
N GLN A 307 -10.99 -1.71 -20.77
CA GLN A 307 -11.75 -2.19 -21.92
C GLN A 307 -12.87 -1.23 -22.27
N ILE A 308 -13.63 -0.78 -21.26
CA ILE A 308 -14.73 0.14 -21.49
C ILE A 308 -14.22 1.49 -22.00
N VAL A 309 -13.14 2.00 -21.39
CA VAL A 309 -12.68 3.33 -21.74
C VAL A 309 -12.20 3.38 -23.19
N THR A 310 -11.39 2.40 -23.60
CA THR A 310 -10.88 2.40 -24.96
C THR A 310 -12.02 2.31 -25.98
N LYS A 311 -13.03 1.49 -25.70
CA LYS A 311 -14.16 1.37 -26.61
C LYS A 311 -14.96 2.66 -26.65
N LEU A 312 -15.16 3.30 -25.49
CA LEU A 312 -15.89 4.57 -25.48
C LEU A 312 -15.09 5.69 -26.13
N VAL A 313 -13.77 5.65 -26.02
CA VAL A 313 -12.95 6.66 -26.69
C VAL A 313 -13.06 6.52 -28.21
N ASP A 314 -13.11 5.28 -28.71
CA ASP A 314 -13.24 5.07 -30.15
C ASP A 314 -14.53 5.65 -30.69
N VAL A 315 -15.57 5.72 -29.86
CA VAL A 315 -16.85 6.26 -30.31
C VAL A 315 -16.80 7.78 -30.36
N VAL A 316 -16.21 8.41 -29.34
CA VAL A 316 -16.06 9.85 -29.33
C VAL A 316 -15.10 10.31 -30.42
N LYS A 317 -14.21 9.44 -30.88
CA LYS A 317 -13.30 9.81 -31.95
C LYS A 317 -13.96 9.80 -33.32
N LYS A 318 -14.91 8.89 -33.54
CA LYS A 318 -15.69 8.94 -34.77
C LYS A 318 -16.37 10.30 -34.91
N LYS A 319 -16.90 10.83 -33.81
CA LYS A 319 -17.52 12.14 -33.80
C LYS A 319 -16.45 13.17 -33.42
N ASN A 320 -16.89 14.41 -33.19
CA ASN A 320 -16.01 15.49 -32.70
C ASN A 320 -14.80 15.70 -33.61
N ALA A 325 -9.34 14.19 -29.78
CA ALA A 325 -9.17 15.31 -28.87
C ALA A 325 -9.54 14.93 -27.41
N VAL A 326 -10.28 13.84 -27.22
CA VAL A 326 -10.65 13.44 -25.86
C VAL A 326 -9.58 12.51 -25.32
N LYS A 327 -9.41 12.53 -24.01
CA LYS A 327 -8.42 11.72 -23.32
C LYS A 327 -9.12 10.69 -22.44
N ALA A 328 -8.39 9.61 -22.15
CA ALA A 328 -8.99 8.49 -21.44
C ALA A 328 -9.41 8.87 -20.03
N HIS A 329 -8.67 9.77 -19.37
CA HIS A 329 -9.03 10.16 -18.01
C HIS A 329 -10.34 10.94 -17.99
N GLN A 330 -10.64 11.67 -19.06
CA GLN A 330 -11.90 12.38 -19.16
C GLN A 330 -13.07 11.41 -19.28
N VAL A 331 -12.86 10.31 -19.99
CA VAL A 331 -13.91 9.29 -20.11
C VAL A 331 -14.04 8.52 -18.81
N LYS A 332 -12.92 8.25 -18.15
CA LYS A 332 -12.95 7.41 -16.95
C LYS A 332 -13.64 8.11 -15.79
N ASN A 333 -13.57 9.44 -15.72
CA ASN A 333 -14.15 10.15 -14.59
C ASN A 333 -15.67 10.17 -14.61
N HIS A 334 -16.31 9.58 -15.62
CA HIS A 334 -17.76 9.44 -15.65
C HIS A 334 -18.23 8.05 -15.25
N MET A 335 -17.32 7.17 -14.83
CA MET A 335 -17.63 5.78 -14.60
C MET A 335 -17.69 5.43 -13.12
N TRP A 336 -18.66 4.59 -12.76
CA TRP A 336 -18.74 3.97 -11.44
C TRP A 336 -18.90 2.47 -11.68
N ILE A 337 -17.85 1.71 -11.39
CA ILE A 337 -17.77 0.31 -11.78
C ILE A 337 -17.73 -0.58 -10.54
N PHE A 338 -18.37 -1.74 -10.65
CA PHE A 338 -18.36 -2.78 -9.63
C PHE A 338 -17.75 -4.04 -10.23
N VAL A 339 -16.76 -4.60 -9.55
CA VAL A 339 -16.05 -5.78 -10.06
C VAL A 339 -15.93 -6.80 -8.93
N ASN A 340 -16.41 -8.02 -9.17
CA ASN A 340 -16.19 -9.13 -8.24
C ASN A 340 -15.39 -10.19 -8.96
N ALA A 341 -14.16 -10.43 -8.51
CA ALA A 341 -13.21 -11.26 -9.24
C ALA A 341 -12.60 -12.34 -8.35
N LEU A 342 -12.33 -13.48 -8.97
CA LEU A 342 -11.55 -14.56 -8.36
C LEU A 342 -10.21 -14.63 -9.10
N ILE A 343 -9.13 -14.38 -8.36
CA ILE A 343 -7.78 -14.26 -8.92
C ILE A 343 -6.92 -15.34 -8.29
N GLU A 344 -6.12 -16.02 -9.12
CA GLU A 344 -5.20 -17.03 -8.62
C GLU A 344 -3.98 -16.37 -7.99
N ASN A 345 -3.61 -16.82 -6.79
CA ASN A 345 -2.45 -16.37 -6.04
C ASN A 345 -2.17 -14.87 -6.20
N PRO A 346 -3.12 -14.02 -5.82
CA PRO A 346 -2.94 -12.58 -6.05
C PRO A 346 -1.81 -12.02 -5.18
N THR A 347 -1.26 -10.91 -5.64
CA THR A 347 -0.29 -10.13 -4.89
C THR A 347 -0.90 -8.77 -4.59
N PHE A 348 -0.42 -8.16 -3.51
CA PHE A 348 -0.92 -6.87 -3.04
C PHE A 348 0.27 -6.05 -2.55
N ASP A 349 0.05 -4.73 -2.39
CA ASP A 349 1.10 -3.85 -1.88
C ASP A 349 1.40 -4.10 -0.41
N SER A 350 0.42 -4.58 0.35
CA SER A 350 0.57 -4.69 1.78
C SER A 350 -0.32 -5.81 2.31
N GLN A 351 -0.14 -6.11 3.61
CA GLN A 351 -0.94 -7.12 4.28
C GLN A 351 -2.42 -6.77 4.28
N THR A 352 -2.76 -5.47 4.27
CA THR A 352 -4.17 -5.08 4.30
C THR A 352 -4.88 -5.38 2.99
N LYS A 353 -4.13 -5.62 1.90
CA LYS A 353 -4.66 -6.17 0.65
C LYS A 353 -5.70 -5.24 0.02
N GLU A 354 -5.41 -3.95 0.03
CA GLU A 354 -6.35 -2.99 -0.55
C GLU A 354 -6.08 -2.71 -2.02
N ASN A 355 -4.88 -3.03 -2.50
CA ASN A 355 -4.49 -2.81 -3.88
C ASN A 355 -3.90 -4.10 -4.44
N MET A 356 -4.55 -4.68 -5.44
CA MET A 356 -4.15 -5.97 -6.01
C MET A 356 -3.24 -5.73 -7.22
N THR A 357 -1.99 -6.16 -7.12
CA THR A 357 -0.95 -5.77 -8.06
C THR A 357 -0.65 -6.81 -9.14
N LEU A 358 -1.29 -7.98 -9.10
CA LEU A 358 -0.94 -9.05 -10.02
C LEU A 358 -1.29 -8.66 -11.44
N GLN A 359 -0.38 -8.94 -12.37
CA GLN A 359 -0.61 -8.59 -13.76
C GLN A 359 -1.71 -9.47 -14.37
N PRO A 360 -2.51 -8.93 -15.28
CA PRO A 360 -3.63 -9.71 -15.84
C PRO A 360 -3.22 -11.04 -16.46
N LYS A 361 -2.02 -11.11 -17.05
CA LYS A 361 -1.61 -12.36 -17.67
C LYS A 361 -1.41 -13.48 -16.67
N SER A 362 -1.36 -13.17 -15.37
CA SER A 362 -1.22 -14.19 -14.34
C SER A 362 -2.52 -14.42 -13.57
N PHE A 363 -3.63 -13.81 -13.99
CA PHE A 363 -4.89 -13.93 -13.26
C PHE A 363 -5.35 -15.38 -13.14
N GLY A 364 -5.07 -16.20 -14.15
CA GLY A 364 -5.66 -17.52 -14.23
C GLY A 364 -6.99 -17.56 -14.95
N SER A 365 -7.52 -16.42 -15.36
CA SER A 365 -8.74 -16.33 -16.14
C SER A 365 -8.71 -14.99 -16.86
N THR A 366 -9.68 -14.80 -17.76
CA THR A 366 -9.81 -13.56 -18.51
C THR A 366 -11.21 -12.99 -18.30
N CYS A 367 -11.39 -11.75 -18.73
CA CYS A 367 -12.67 -11.07 -18.56
C CYS A 367 -12.91 -10.14 -19.76
N GLN A 368 -13.27 -10.73 -20.89
CA GLN A 368 -13.64 -9.97 -22.08
C GLN A 368 -15.13 -9.68 -22.03
N LEU A 369 -15.46 -8.40 -21.88
CA LEU A 369 -16.86 -7.99 -21.79
C LEU A 369 -17.56 -8.28 -23.12
N SER A 370 -18.80 -8.77 -23.03
CA SER A 370 -19.56 -9.13 -24.20
C SER A 370 -19.82 -7.90 -25.07
N GLU A 371 -20.04 -8.16 -26.37
CA GLU A 371 -20.40 -7.09 -27.29
C GLU A 371 -21.72 -6.45 -26.89
N LYS A 372 -22.58 -7.20 -26.20
CA LYS A 372 -23.81 -6.64 -25.67
C LYS A 372 -23.53 -5.64 -24.56
N PHE A 373 -22.64 -6.00 -23.63
CA PHE A 373 -22.27 -5.07 -22.56
C PHE A 373 -21.71 -3.77 -23.13
N ILE A 374 -20.77 -3.89 -24.08
CA ILE A 374 -20.14 -2.70 -24.66
C ILE A 374 -21.19 -1.82 -25.35
N LYS A 375 -22.07 -2.44 -26.14
CA LYS A 375 -23.13 -1.68 -26.81
C LYS A 375 -24.02 -0.98 -25.80
N ALA A 376 -24.34 -1.64 -24.69
CA ALA A 376 -25.12 -0.99 -23.66
C ALA A 376 -24.33 0.11 -22.96
N ALA A 377 -23.00 0.00 -22.94
CA ALA A 377 -22.17 1.02 -22.31
C ALA A 377 -21.94 2.23 -23.18
N ILE A 378 -21.91 2.08 -24.52
CA ILE A 378 -21.77 3.26 -25.35
C ILE A 378 -22.99 4.16 -25.25
N GLY A 379 -24.14 3.59 -24.89
CA GLY A 379 -25.39 4.30 -24.77
C GLY A 379 -25.83 4.65 -23.36
N CYS A 380 -24.96 4.54 -22.37
CA CYS A 380 -25.33 4.85 -20.99
C CYS A 380 -25.20 6.33 -20.64
N GLY A 381 -24.98 7.20 -21.63
CA GLY A 381 -24.88 8.62 -21.39
C GLY A 381 -23.48 9.14 -21.16
N ILE A 382 -22.48 8.28 -21.01
CA ILE A 382 -21.11 8.74 -20.86
C ILE A 382 -20.67 9.45 -22.13
N VAL A 383 -20.94 8.85 -23.29
CA VAL A 383 -20.61 9.46 -24.56
C VAL A 383 -21.34 10.79 -24.73
N GLU A 384 -22.61 10.85 -24.28
CA GLU A 384 -23.35 12.11 -24.38
C GLU A 384 -22.73 13.18 -23.51
N SER A 385 -22.34 12.84 -22.28
CA SER A 385 -21.71 13.80 -21.39
C SER A 385 -20.32 14.22 -21.85
N ILE A 386 -19.73 13.52 -22.80
CA ILE A 386 -18.43 13.92 -23.34
C ILE A 386 -18.61 14.79 -24.57
N LEU A 387 -19.62 14.47 -25.40
CA LEU A 387 -19.87 15.25 -26.60
C LEU A 387 -20.38 16.65 -26.28
N ASN A 388 -21.13 16.82 -25.20
CA ASN A 388 -21.60 18.15 -24.83
C ASN A 388 -20.46 19.00 -24.28
N TRP A 389 -19.42 18.38 -23.74
CA TRP A 389 -18.26 19.14 -23.26
C TRP A 389 -17.42 19.65 -24.43
N VAL A 390 -17.23 18.81 -25.45
CA VAL A 390 -16.46 19.24 -26.61
C VAL A 390 -17.22 20.32 -27.38
N LYS A 391 -18.55 20.30 -27.32
CA LYS A 391 -19.35 21.35 -27.95
C LYS A 391 -19.13 22.71 -27.31
N PHE A 392 -18.61 22.75 -26.08
CA PHE A 392 -18.31 24.01 -25.42
C PHE A 392 -16.92 24.50 -25.79
N ALA B 3 -0.90 -35.28 0.61
CA ALA B 3 -1.74 -34.26 1.26
C ALA B 3 -1.62 -34.35 2.77
N SER B 4 -0.39 -34.48 3.27
CA SER B 4 -0.18 -34.63 4.70
C SER B 4 -0.29 -33.28 5.40
N VAL B 5 -0.52 -33.34 6.71
CA VAL B 5 -0.69 -32.14 7.52
C VAL B 5 0.56 -31.28 7.48
N GLU B 6 1.74 -31.91 7.54
CA GLU B 6 2.99 -31.17 7.58
C GLU B 6 3.31 -30.50 6.25
N ARG B 7 2.80 -31.03 5.13
CA ARG B 7 2.99 -30.37 3.86
C ARG B 7 1.99 -29.24 3.66
N ILE B 8 0.76 -29.41 4.17
CA ILE B 8 -0.27 -28.38 3.99
C ILE B 8 0.03 -27.17 4.87
N TYR B 9 0.22 -27.38 6.17
CA TYR B 9 0.43 -26.29 7.11
C TYR B 9 1.92 -26.13 7.38
N GLN B 10 2.48 -25.00 6.97
CA GLN B 10 3.91 -24.78 7.09
C GLN B 10 4.20 -23.47 7.81
N LYS B 11 5.31 -23.46 8.53
CA LYS B 11 5.83 -22.26 9.19
C LYS B 11 7.09 -21.79 8.48
N LYS B 12 7.22 -20.48 8.30
CA LYS B 12 8.38 -19.91 7.62
C LYS B 12 9.17 -19.02 8.58
N THR B 13 10.49 -19.04 8.43
CA THR B 13 11.28 -18.04 9.12
C THR B 13 11.06 -16.68 8.47
N GLN B 14 11.51 -15.63 9.16
CA GLN B 14 11.40 -14.29 8.61
C GLN B 14 12.12 -14.19 7.27
N LEU B 15 13.33 -14.74 7.19
CA LEU B 15 14.10 -14.67 5.95
C LEU B 15 13.41 -15.44 4.83
N GLU B 16 12.93 -16.65 5.12
CA GLU B 16 12.22 -17.43 4.11
C GLU B 16 10.98 -16.68 3.61
N HIS B 17 10.26 -16.05 4.53
CA HIS B 17 9.02 -15.36 4.15
C HIS B 17 9.31 -14.19 3.22
N ILE B 18 10.41 -13.48 3.45
CA ILE B 18 10.75 -12.33 2.61
C ILE B 18 11.02 -12.79 1.17
N LEU B 19 11.77 -13.88 1.01
CA LEU B 19 12.05 -14.38 -0.33
C LEU B 19 10.83 -15.06 -0.94
N LEU B 20 9.97 -15.68 -0.13
CA LEU B 20 8.78 -16.33 -0.66
C LEU B 20 7.68 -15.34 -1.00
N ARG B 21 7.56 -14.27 -0.21
CA ARG B 21 6.51 -13.27 -0.39
C ARG B 21 7.15 -11.89 -0.42
N PRO B 22 7.88 -11.56 -1.48
CA PRO B 22 8.63 -10.29 -1.49
C PRO B 22 7.75 -9.05 -1.67
N ASP B 23 6.50 -9.21 -2.09
CA ASP B 23 5.73 -8.07 -2.58
C ASP B 23 5.49 -7.01 -1.50
N THR B 24 5.12 -7.44 -0.28
CA THR B 24 4.88 -6.42 0.74
C THR B 24 6.17 -5.84 1.30
N TYR B 25 7.31 -6.42 0.95
CA TYR B 25 8.58 -5.91 1.45
C TYR B 25 9.22 -4.92 0.47
N ILE B 26 9.31 -5.28 -0.80
CA ILE B 26 10.02 -4.47 -1.78
C ILE B 26 9.18 -4.15 -3.01
N GLY B 27 7.93 -4.58 -3.07
CA GLY B 27 7.15 -4.43 -4.28
C GLY B 27 7.26 -5.64 -5.17
N SER B 28 6.69 -5.50 -6.37
CA SER B 28 6.61 -6.62 -7.29
C SER B 28 8.00 -7.03 -7.77
N VAL B 29 8.22 -8.35 -7.82
CA VAL B 29 9.43 -8.91 -8.40
C VAL B 29 9.20 -9.39 -9.82
N GLU B 30 8.07 -9.01 -10.42
CA GLU B 30 7.77 -9.28 -11.82
C GLU B 30 7.88 -7.99 -12.63
N LEU B 31 7.98 -8.14 -13.95
CA LEU B 31 8.12 -6.98 -14.82
C LEU B 31 6.87 -6.12 -14.77
N VAL B 32 7.08 -4.81 -14.86
CA VAL B 32 6.00 -3.84 -14.94
C VAL B 32 6.31 -2.91 -16.10
N THR B 33 5.29 -2.55 -16.87
CA THR B 33 5.44 -1.63 -17.99
C THR B 33 4.49 -0.47 -17.77
N GLN B 34 5.06 0.72 -17.57
CA GLN B 34 4.25 1.91 -17.28
C GLN B 34 5.08 3.14 -17.59
N GLN B 35 4.40 4.28 -17.69
CA GLN B 35 5.07 5.53 -17.98
C GLN B 35 5.71 6.09 -16.71
N MET B 36 6.98 6.45 -16.81
CA MET B 36 7.76 6.90 -15.67
C MET B 36 8.61 8.08 -16.08
N TRP B 37 9.06 8.83 -15.08
CA TRP B 37 10.06 9.86 -15.31
C TRP B 37 11.43 9.21 -15.14
N VAL B 38 12.30 9.39 -16.13
CA VAL B 38 13.65 8.82 -16.13
C VAL B 38 14.63 9.88 -16.59
N TYR B 39 15.91 9.61 -16.38
CA TYR B 39 17.00 10.43 -16.93
C TYR B 39 17.79 9.56 -17.90
N ASP B 40 17.60 9.80 -19.19
CA ASP B 40 18.32 9.09 -20.24
C ASP B 40 19.63 9.80 -20.59
N GLU B 41 20.61 9.01 -21.03
CA GLU B 41 21.95 9.51 -21.33
C GLU B 41 21.97 10.55 -22.45
N ASP B 42 20.88 10.77 -23.16
CA ASP B 42 20.92 11.68 -24.30
C ASP B 42 19.87 12.78 -24.29
N VAL B 43 18.79 12.61 -23.54
CA VAL B 43 17.74 13.62 -23.48
C VAL B 43 17.54 14.18 -22.07
N GLY B 44 17.89 13.43 -21.03
CA GLY B 44 17.70 13.91 -19.67
C GLY B 44 16.34 13.54 -19.11
N ILE B 45 15.77 14.41 -18.28
CA ILE B 45 14.48 14.12 -17.67
C ILE B 45 13.43 14.11 -18.76
N ASN B 46 12.71 12.99 -18.87
CA ASN B 46 11.65 12.85 -19.86
C ASN B 46 10.64 11.83 -19.36
N TYR B 47 9.46 11.88 -19.95
CA TYR B 47 8.33 11.05 -19.54
C TYR B 47 8.08 10.03 -20.64
N ARG B 48 8.30 8.75 -20.33
CA ARG B 48 8.18 7.71 -21.34
C ARG B 48 7.83 6.38 -20.67
N GLU B 49 7.44 5.42 -21.50
CA GLU B 49 7.14 4.08 -21.03
C GLU B 49 8.42 3.35 -20.64
N VAL B 50 8.38 2.66 -19.50
CA VAL B 50 9.54 1.96 -18.96
C VAL B 50 9.13 0.57 -18.57
N THR B 51 10.05 -0.38 -18.72
CA THR B 51 9.84 -1.77 -18.30
C THR B 51 10.92 -2.11 -17.28
N PHE B 52 10.51 -2.52 -16.09
CA PHE B 52 11.44 -2.68 -14.98
C PHE B 52 10.77 -3.53 -13.91
N VAL B 53 11.59 -3.99 -12.96
CA VAL B 53 11.12 -4.76 -11.82
C VAL B 53 11.08 -3.81 -10.62
N PRO B 54 9.90 -3.49 -10.07
CA PRO B 54 9.85 -2.57 -8.91
C PRO B 54 10.77 -2.98 -7.76
N GLY B 55 10.81 -4.27 -7.43
CA GLY B 55 11.63 -4.72 -6.30
C GLY B 55 13.09 -4.39 -6.46
N LEU B 56 13.61 -4.48 -7.70
CA LEU B 56 15.00 -4.11 -7.92
C LEU B 56 15.21 -2.61 -7.76
N TYR B 57 14.30 -1.80 -8.31
CA TYR B 57 14.34 -0.37 -8.10
C TYR B 57 14.32 -0.01 -6.62
N LYS B 58 13.56 -0.78 -5.84
CA LYS B 58 13.31 -0.43 -4.44
C LYS B 58 14.53 -0.70 -3.57
N ILE B 59 15.23 -1.80 -3.79
CA ILE B 59 16.41 -2.08 -2.97
C ILE B 59 17.49 -1.05 -3.22
N PHE B 60 17.56 -0.51 -4.44
CA PHE B 60 18.41 0.66 -4.68
C PHE B 60 17.90 1.87 -3.91
N ASP B 61 16.58 2.10 -3.91
CA ASP B 61 16.01 3.25 -3.22
C ASP B 61 16.27 3.19 -1.73
N GLU B 62 16.21 1.99 -1.15
CA GLU B 62 16.38 1.86 0.29
C GLU B 62 17.75 2.37 0.73
N ILE B 63 18.80 1.97 0.03
CA ILE B 63 20.14 2.42 0.37
C ILE B 63 20.29 3.91 0.08
N LEU B 64 19.73 4.37 -1.03
CA LEU B 64 19.85 5.78 -1.39
C LEU B 64 19.16 6.68 -0.37
N VAL B 65 17.95 6.31 0.06
CA VAL B 65 17.26 7.11 1.08
C VAL B 65 18.01 7.06 2.41
N ASN B 66 18.63 5.92 2.74
CA ASN B 66 19.42 5.82 3.95
C ASN B 66 20.54 6.85 3.97
N ALA B 67 21.18 7.07 2.82
CA ALA B 67 22.22 8.08 2.74
C ALA B 67 21.66 9.47 3.01
N ALA B 68 20.52 9.79 2.40
CA ALA B 68 19.90 11.09 2.67
C ALA B 68 19.52 11.23 4.14
N ASP B 69 19.10 10.13 4.77
CA ASP B 69 18.78 10.18 6.19
C ASP B 69 19.97 10.64 7.03
N ASN B 70 21.19 10.30 6.61
CA ASN B 70 22.37 10.68 7.39
C ASN B 70 22.57 12.19 7.44
N LYS B 71 22.05 12.93 6.46
CA LYS B 71 22.11 14.38 6.52
C LYS B 71 21.33 14.91 7.71
N GLN B 72 20.21 14.24 8.04
CA GLN B 72 19.47 14.58 9.25
C GLN B 72 20.24 14.12 10.48
N ARG B 73 20.89 12.97 10.42
CA ARG B 73 21.69 12.51 11.55
C ARG B 73 22.89 13.42 11.78
N ASP B 74 23.59 13.78 10.70
CA ASP B 74 24.75 14.68 10.77
C ASP B 74 24.58 15.79 9.75
N PRO B 75 24.14 16.98 10.16
CA PRO B 75 23.99 18.09 9.20
C PRO B 75 25.29 18.50 8.53
N LYS B 76 26.44 18.11 9.08
CA LYS B 76 27.73 18.46 8.45
C LYS B 76 27.98 17.64 7.20
N MET B 77 27.25 16.55 6.99
CA MET B 77 27.35 15.76 5.77
C MET B 77 27.07 16.65 4.56
N SER B 78 27.80 16.41 3.47
CA SER B 78 27.70 17.27 2.29
C SER B 78 27.57 16.54 0.96
N CYS B 79 27.95 15.28 0.85
CA CYS B 79 28.01 14.66 -0.47
C CYS B 79 27.45 13.25 -0.46
N ILE B 80 26.80 12.87 -1.56
CA ILE B 80 26.44 11.49 -1.87
C ILE B 80 27.00 11.16 -3.25
N ARG B 81 27.70 10.03 -3.36
CA ARG B 81 28.25 9.56 -4.62
C ARG B 81 27.73 8.16 -4.91
N VAL B 82 27.07 8.01 -6.05
CA VAL B 82 26.48 6.74 -6.49
C VAL B 82 27.20 6.27 -7.74
N THR B 83 27.58 4.99 -7.76
CA THR B 83 28.16 4.35 -8.92
C THR B 83 27.28 3.18 -9.35
N ILE B 84 27.07 3.05 -10.66
CA ILE B 84 26.26 2.00 -11.25
C ILE B 84 27.09 1.37 -12.36
N ASP B 85 27.48 0.10 -12.19
CA ASP B 85 28.32 -0.63 -13.14
C ASP B 85 27.56 -1.85 -13.65
N PRO B 86 26.83 -1.72 -14.76
CA PRO B 86 26.04 -2.86 -15.25
C PRO B 86 26.87 -4.08 -15.63
N GLU B 87 28.09 -3.88 -16.14
CA GLU B 87 28.88 -5.02 -16.62
C GLU B 87 29.22 -5.97 -15.48
N ASN B 88 29.67 -5.43 -14.35
CA ASN B 88 30.01 -6.27 -13.20
C ASN B 88 28.85 -6.41 -12.22
N ASN B 89 27.67 -5.88 -12.56
CA ASN B 89 26.50 -5.95 -11.70
C ASN B 89 26.81 -5.41 -10.31
N LEU B 90 27.34 -4.19 -10.28
CA LEU B 90 27.86 -3.59 -9.05
C LEU B 90 27.28 -2.21 -8.85
N ILE B 91 26.70 -1.97 -7.68
CA ILE B 91 26.16 -0.68 -7.31
C ILE B 91 26.78 -0.28 -5.97
N SER B 92 27.21 0.97 -5.87
CA SER B 92 27.77 1.50 -4.65
C SER B 92 27.11 2.83 -4.32
N ILE B 93 26.85 3.06 -3.04
CA ILE B 93 26.26 4.31 -2.57
C ILE B 93 27.09 4.80 -1.39
N TRP B 94 27.68 5.99 -1.54
CA TRP B 94 28.65 6.52 -0.60
C TRP B 94 28.18 7.87 -0.09
N ASN B 95 28.39 8.12 1.19
CA ASN B 95 28.06 9.40 1.81
C ASN B 95 29.13 9.75 2.83
N ASN B 96 29.35 11.05 3.01
CA ASN B 96 30.23 11.52 4.08
C ASN B 96 29.38 11.87 5.29
N GLY B 97 29.90 12.70 6.19
CA GLY B 97 29.27 12.87 7.48
C GLY B 97 29.63 11.72 8.41
N LYS B 98 29.06 11.77 9.61
CA LYS B 98 29.42 10.83 10.66
C LYS B 98 29.15 9.39 10.25
N GLY B 99 30.14 8.53 10.45
CA GLY B 99 29.97 7.12 10.20
C GLY B 99 29.23 6.40 11.31
N ILE B 100 29.06 5.10 11.12
CA ILE B 100 28.36 4.25 12.09
C ILE B 100 29.34 3.89 13.20
N PRO B 101 28.91 3.95 14.47
CA PRO B 101 29.83 3.59 15.57
C PRO B 101 30.35 2.17 15.44
N VAL B 102 31.67 2.04 15.47
CA VAL B 102 32.34 0.75 15.33
C VAL B 102 32.64 0.25 16.73
N VAL B 103 31.70 -0.50 17.31
CA VAL B 103 31.81 -0.96 18.69
C VAL B 103 30.86 -2.13 18.87
N GLU B 104 31.15 -2.97 19.86
CA GLU B 104 30.29 -4.10 20.17
C GLU B 104 29.01 -3.63 20.86
N HIS B 105 27.87 -4.09 20.34
CA HIS B 105 26.58 -3.79 20.95
C HIS B 105 26.46 -4.57 22.25
N LYS B 106 26.32 -3.85 23.37
CA LYS B 106 26.34 -4.49 24.69
C LYS B 106 25.13 -5.40 24.91
N VAL B 107 24.05 -5.21 24.17
CA VAL B 107 22.84 -5.99 24.33
C VAL B 107 22.79 -7.16 23.34
N GLU B 108 22.96 -6.89 22.04
CA GLU B 108 22.87 -7.92 21.03
C GLU B 108 24.18 -8.68 20.83
N LYS B 109 25.27 -8.23 21.44
CA LYS B 109 26.54 -8.94 21.45
C LYS B 109 27.09 -9.15 20.03
N MET B 110 27.26 -8.04 19.33
CA MET B 110 27.93 -8.01 18.02
C MET B 110 28.16 -6.55 17.66
N TYR B 111 29.02 -6.34 16.68
CA TYR B 111 29.35 -4.97 16.27
C TYR B 111 28.16 -4.29 15.61
N VAL B 112 28.04 -2.98 15.85
CA VAL B 112 26.85 -2.24 15.43
C VAL B 112 26.59 -2.37 13.93
N PRO B 113 27.56 -2.15 13.03
CA PRO B 113 27.26 -2.30 11.60
C PRO B 113 26.76 -3.69 11.23
N ALA B 114 27.31 -4.74 11.84
CA ALA B 114 26.83 -6.08 11.59
C ALA B 114 25.40 -6.28 12.10
N LEU B 115 25.04 -5.56 13.17
CA LEU B 115 23.69 -5.70 13.72
C LEU B 115 22.66 -5.04 12.82
N ILE B 116 22.89 -3.79 12.41
CA ILE B 116 21.88 -3.03 11.68
C ILE B 116 21.87 -3.32 10.19
N PHE B 117 22.80 -4.13 9.70
CA PHE B 117 22.80 -4.54 8.29
C PHE B 117 22.61 -6.03 8.09
N GLY B 118 22.78 -6.86 9.11
CA GLY B 118 22.65 -8.30 8.96
C GLY B 118 21.58 -8.94 9.80
N GLN B 119 20.82 -8.13 10.55
CA GLN B 119 19.77 -8.64 11.42
C GLN B 119 18.48 -7.90 11.11
N LEU B 120 17.40 -8.66 10.91
CA LEU B 120 16.12 -8.04 10.62
C LEU B 120 15.59 -7.30 11.84
N LEU B 121 14.78 -6.27 11.57
CA LEU B 121 14.12 -5.49 12.63
C LEU B 121 15.15 -4.81 13.53
N THR B 122 16.10 -4.11 12.91
CA THR B 122 17.12 -3.36 13.62
C THR B 122 17.12 -1.95 13.08
N SER B 123 17.12 -0.96 13.98
CA SER B 123 16.92 0.42 13.54
C SER B 123 17.35 1.37 14.64
N SER B 124 17.61 2.60 14.23
CA SER B 124 17.77 3.71 15.15
C SER B 124 16.53 4.57 15.21
N ASN B 125 15.45 4.16 14.55
CA ASN B 125 14.23 4.96 14.45
C ASN B 125 13.06 4.31 15.21
N TYR B 126 13.35 3.46 16.19
CA TYR B 126 12.31 2.76 16.93
C TYR B 126 11.80 3.53 18.15
N ASP B 127 12.44 4.64 18.50
CA ASP B 127 12.03 5.44 19.66
C ASP B 127 11.30 6.67 19.15
N ASP B 128 9.98 6.61 19.16
CA ASP B 128 9.15 7.68 18.63
C ASP B 128 8.99 8.86 19.59
N ASP B 129 9.60 8.80 20.77
CA ASP B 129 9.73 10.00 21.60
C ASP B 129 10.64 11.03 20.94
N GLU B 130 11.59 10.56 20.13
CA GLU B 130 12.36 11.44 19.26
C GLU B 130 11.54 11.72 18.00
N LYS B 131 11.27 13.00 17.73
CA LYS B 131 10.52 13.38 16.55
C LYS B 131 11.51 13.63 15.41
N LYS B 132 11.73 12.60 14.59
CA LYS B 132 12.74 12.63 13.53
C LYS B 132 12.10 12.84 12.17
N VAL B 133 12.85 13.49 11.28
CA VAL B 133 12.40 13.73 9.91
C VAL B 133 13.22 12.90 8.93
N THR B 134 13.74 11.77 9.41
CA THR B 134 14.39 10.81 8.53
C THR B 134 13.35 9.97 7.79
N GLY B 135 13.79 9.32 6.71
CA GLY B 135 12.92 8.43 5.99
C GLY B 135 12.82 7.05 6.58
N GLY B 136 13.85 6.62 7.33
CA GLY B 136 13.83 5.28 7.90
C GLY B 136 12.83 5.19 9.04
N ARG B 137 12.08 4.09 9.07
CA ARG B 137 11.06 3.93 10.10
C ARG B 137 11.01 2.52 10.66
N ASN B 138 11.19 1.50 9.81
CA ASN B 138 10.80 0.15 10.17
C ASN B 138 11.95 -0.80 10.48
N GLY B 139 13.18 -0.47 10.08
CA GLY B 139 14.30 -1.35 10.35
C GLY B 139 14.41 -2.51 9.39
N TYR B 140 13.93 -2.35 8.15
CA TYR B 140 13.97 -3.38 7.12
C TYR B 140 14.90 -3.04 5.96
N GLY B 141 14.83 -1.80 5.48
CA GLY B 141 15.44 -1.33 4.25
C GLY B 141 16.75 -1.95 3.83
N ALA B 142 17.79 -1.77 4.65
CA ALA B 142 19.12 -2.24 4.29
C ALA B 142 19.18 -3.76 4.25
N LYS B 143 18.49 -4.42 5.19
CA LYS B 143 18.50 -5.88 5.19
C LYS B 143 17.78 -6.43 3.98
N LEU B 144 16.74 -5.75 3.49
CA LEU B 144 16.05 -6.21 2.29
C LEU B 144 16.96 -6.14 1.07
N CYS B 145 17.72 -5.06 0.92
CA CYS B 145 18.70 -4.98 -0.15
C CYS B 145 19.73 -6.10 -0.01
N ASN B 146 20.17 -6.37 1.22
CA ASN B 146 21.09 -7.48 1.50
C ASN B 146 20.47 -8.81 1.09
N ILE B 147 19.22 -9.04 1.48
CA ILE B 147 18.55 -10.30 1.19
C ILE B 147 18.39 -10.51 -0.30
N PHE B 148 18.21 -9.43 -1.06
CA PHE B 148 18.02 -9.54 -2.51
C PHE B 148 19.29 -9.23 -3.29
N SER B 149 20.45 -9.47 -2.68
CA SER B 149 21.75 -9.35 -3.33
C SER B 149 22.50 -10.66 -3.18
N THR B 150 23.32 -10.99 -4.18
CA THR B 150 24.21 -12.14 -4.06
C THR B 150 25.44 -11.82 -3.24
N LYS B 151 25.84 -10.56 -3.18
CA LYS B 151 26.97 -10.12 -2.37
C LYS B 151 26.68 -8.70 -1.91
N PHE B 152 26.85 -8.45 -0.62
CA PHE B 152 26.45 -7.20 0.01
C PHE B 152 27.53 -6.81 1.03
N THR B 153 28.23 -5.70 0.78
CA THR B 153 29.35 -5.28 1.61
C THR B 153 29.04 -3.95 2.27
N VAL B 154 29.30 -3.86 3.57
CA VAL B 154 29.12 -2.63 4.35
C VAL B 154 30.50 -2.15 4.78
N GLU B 155 30.83 -0.89 4.43
CA GLU B 155 32.06 -0.27 4.87
C GLU B 155 31.72 1.09 5.46
N THR B 156 32.07 1.28 6.74
CA THR B 156 31.81 2.53 7.43
C THR B 156 32.96 2.82 8.39
N ALA B 157 33.37 4.07 8.47
CA ALA B 157 34.52 4.49 9.27
C ALA B 157 34.08 5.55 10.26
N SER B 158 34.35 5.31 11.55
CA SER B 158 33.99 6.22 12.62
C SER B 158 35.27 6.70 13.29
N ARG B 159 35.59 7.98 13.12
CA ARG B 159 36.75 8.53 13.81
C ARG B 159 36.55 8.57 15.32
N GLU B 160 35.33 8.89 15.77
CA GLU B 160 35.08 8.93 17.22
C GLU B 160 35.58 7.66 17.90
N TYR B 161 35.35 6.51 17.27
CA TYR B 161 35.87 5.23 17.74
C TYR B 161 37.21 4.89 17.09
N LYS B 162 37.70 5.74 16.19
CA LYS B 162 39.02 5.59 15.57
C LYS B 162 39.19 4.24 14.90
N LYS B 163 38.10 3.70 14.36
CA LYS B 163 38.12 2.40 13.70
C LYS B 163 37.32 2.47 12.40
N MET B 164 37.63 1.56 11.49
CA MET B 164 36.89 1.38 10.25
C MET B 164 36.33 -0.03 10.19
N PHE B 165 35.08 -0.16 9.76
CA PHE B 165 34.38 -1.43 9.68
C PHE B 165 34.24 -1.85 8.22
N LYS B 166 34.32 -3.15 7.98
CA LYS B 166 34.05 -3.70 6.65
C LYS B 166 33.67 -5.16 6.80
N GLN B 167 32.50 -5.52 6.26
CA GLN B 167 32.05 -6.91 6.27
C GLN B 167 31.14 -7.14 5.07
N THR B 168 31.17 -8.36 4.56
CA THR B 168 30.44 -8.73 3.36
C THR B 168 29.48 -9.87 3.66
N TRP B 169 28.25 -9.75 3.18
CA TRP B 169 27.25 -10.81 3.20
C TRP B 169 27.09 -11.37 1.79
N MET B 170 26.77 -12.67 1.71
CA MET B 170 26.60 -13.32 0.41
C MET B 170 25.37 -14.22 0.43
N ASP B 171 24.92 -14.58 -0.77
CA ASP B 171 23.86 -15.57 -0.98
C ASP B 171 22.59 -15.23 -0.21
N ASN B 172 22.02 -14.08 -0.55
CA ASN B 172 20.73 -13.62 0.00
C ASN B 172 20.78 -13.58 1.52
N MET B 173 21.85 -12.97 2.04
CA MET B 173 22.10 -12.88 3.48
C MET B 173 22.10 -14.27 4.13
N GLY B 174 22.48 -15.29 3.36
CA GLY B 174 22.57 -16.63 3.91
C GLY B 174 23.86 -16.91 4.65
N ARG B 175 24.91 -16.13 4.39
CA ARG B 175 26.18 -16.26 5.09
C ARG B 175 26.89 -14.92 5.03
N ALA B 176 27.86 -14.75 5.93
CA ALA B 176 28.61 -13.51 6.03
C ALA B 176 30.11 -13.78 5.97
N GLY B 177 30.84 -12.84 5.38
CA GLY B 177 32.28 -12.92 5.33
C GLY B 177 32.92 -12.57 6.65
N GLU B 178 34.20 -12.20 6.57
CA GLU B 178 34.99 -11.87 7.74
C GLU B 178 34.91 -10.38 8.04
N MET B 179 34.75 -10.04 9.31
CA MET B 179 34.72 -8.65 9.74
C MET B 179 36.14 -8.11 9.77
N GLU B 180 36.39 -7.04 9.03
CA GLU B 180 37.70 -6.41 8.96
C GLU B 180 37.67 -5.10 9.74
N LEU B 181 38.48 -5.02 10.79
CA LEU B 181 38.60 -3.82 11.61
C LEU B 181 39.99 -3.24 11.47
N LYS B 182 40.07 -1.95 11.13
CA LYS B 182 41.32 -1.24 10.96
C LYS B 182 41.28 0.11 11.67
N PRO B 183 42.42 0.58 12.18
CA PRO B 183 42.46 1.92 12.76
C PRO B 183 42.12 2.99 11.73
N PHE B 184 41.46 4.05 12.20
CA PHE B 184 40.98 5.11 11.31
C PHE B 184 41.11 6.46 12.00
N ASN B 185 41.46 7.50 11.22
CA ASN B 185 41.58 8.84 11.76
C ASN B 185 41.33 9.90 10.68
N GLY B 186 40.55 9.58 9.66
CA GLY B 186 40.27 10.47 8.57
C GLY B 186 38.85 10.99 8.57
N GLU B 187 38.39 11.40 7.38
CA GLU B 187 37.02 11.88 7.23
C GLU B 187 36.05 10.71 7.27
N ASP B 188 35.04 10.81 8.14
CA ASP B 188 34.05 9.75 8.26
C ASP B 188 33.30 9.58 6.95
N TYR B 189 32.87 8.34 6.69
CA TYR B 189 32.12 8.03 5.49
C TYR B 189 31.41 6.71 5.69
N THR B 190 30.44 6.45 4.82
CA THR B 190 29.77 5.17 4.74
C THR B 190 29.58 4.82 3.28
N CYS B 191 29.94 3.58 2.92
CA CYS B 191 29.83 3.12 1.54
C CYS B 191 29.16 1.75 1.54
N ILE B 192 28.05 1.63 0.83
CA ILE B 192 27.33 0.36 0.67
C ILE B 192 27.51 -0.08 -0.77
N THR B 193 28.05 -1.29 -0.95
CA THR B 193 28.30 -1.85 -2.27
C THR B 193 27.65 -3.23 -2.35
N PHE B 194 26.79 -3.43 -3.36
CA PHE B 194 26.04 -4.66 -3.45
C PHE B 194 25.88 -5.09 -4.91
N GLN B 195 25.76 -6.41 -5.10
CA GLN B 195 25.45 -6.99 -6.40
C GLN B 195 24.02 -7.53 -6.37
N PRO B 196 23.09 -6.91 -7.09
CA PRO B 196 21.69 -7.36 -7.00
C PRO B 196 21.54 -8.78 -7.54
N ASP B 197 20.73 -9.59 -6.86
CA ASP B 197 20.47 -10.96 -7.29
C ASP B 197 19.48 -10.89 -8.45
N LEU B 198 20.01 -10.73 -9.66
CA LEU B 198 19.15 -10.57 -10.83
C LEU B 198 18.31 -11.80 -11.11
N SER B 199 18.71 -12.99 -10.62
CA SER B 199 17.89 -14.17 -10.80
C SER B 199 16.58 -14.06 -10.02
N LYS B 200 16.60 -13.42 -8.85
CA LYS B 200 15.37 -13.19 -8.11
C LYS B 200 14.42 -12.28 -8.86
N PHE B 201 14.92 -11.45 -9.78
CA PHE B 201 14.10 -10.53 -10.53
C PHE B 201 13.92 -10.93 -11.99
N LYS B 202 14.44 -12.10 -12.39
CA LYS B 202 14.34 -12.59 -13.77
C LYS B 202 14.89 -11.58 -14.79
N MET B 203 16.05 -11.00 -14.45
CA MET B 203 16.71 -10.05 -15.32
CA MET B 203 16.73 -10.02 -15.29
C MET B 203 18.10 -10.55 -15.69
N GLN B 204 18.54 -10.17 -16.89
CA GLN B 204 19.86 -10.59 -17.39
C GLN B 204 20.95 -9.59 -17.07
N SER B 205 20.61 -8.30 -16.96
CA SER B 205 21.58 -7.26 -16.64
C SER B 205 20.83 -6.01 -16.20
N LEU B 206 21.57 -5.06 -15.64
CA LEU B 206 21.02 -3.74 -15.33
C LEU B 206 20.89 -2.98 -16.64
N ASP B 207 19.73 -3.09 -17.28
CA ASP B 207 19.54 -2.58 -18.63
C ASP B 207 19.28 -1.07 -18.60
N LYS B 208 19.04 -0.51 -19.79
CA LYS B 208 18.89 0.93 -19.94
C LYS B 208 17.76 1.48 -19.07
N ASP B 209 16.64 0.77 -19.02
CA ASP B 209 15.46 1.30 -18.34
C ASP B 209 15.68 1.38 -16.84
N ILE B 210 16.24 0.33 -16.23
CA ILE B 210 16.44 0.37 -14.78
C ILE B 210 17.55 1.35 -14.41
N VAL B 211 18.55 1.52 -15.27
CA VAL B 211 19.58 2.53 -15.00
C VAL B 211 18.99 3.92 -15.08
N ALA B 212 18.17 4.19 -16.11
CA ALA B 212 17.53 5.51 -16.22
C ALA B 212 16.65 5.82 -15.02
N LEU B 213 16.00 4.81 -14.45
CA LEU B 213 15.21 5.04 -13.24
C LEU B 213 16.11 5.33 -12.04
N MET B 214 17.19 4.57 -11.89
CA MET B 214 18.09 4.80 -10.78
C MET B 214 18.75 6.16 -10.87
N VAL B 215 19.05 6.63 -12.10
CA VAL B 215 19.67 7.93 -12.27
C VAL B 215 18.69 9.05 -11.88
N ARG B 216 17.44 8.96 -12.36
CA ARG B 216 16.46 9.98 -12.00
C ARG B 216 16.24 10.05 -10.50
N ARG B 217 16.35 8.91 -9.82
CA ARG B 217 16.19 8.89 -8.37
C ARG B 217 17.32 9.64 -7.69
N ALA B 218 18.53 9.56 -8.25
CA ALA B 218 19.64 10.36 -7.73
C ALA B 218 19.37 11.85 -7.91
N TYR B 219 18.76 12.24 -9.03
CA TYR B 219 18.35 13.63 -9.20
C TYR B 219 17.29 14.02 -8.18
N ASP B 220 16.39 13.09 -7.86
CA ASP B 220 15.40 13.34 -6.81
C ASP B 220 16.09 13.69 -5.49
N ILE B 221 17.09 12.91 -5.11
CA ILE B 221 17.80 13.17 -3.85
C ILE B 221 18.47 14.54 -3.89
N ALA B 222 19.09 14.88 -5.01
CA ALA B 222 19.72 16.19 -5.15
C ALA B 222 18.70 17.31 -5.07
N GLY B 223 17.47 17.06 -5.52
CA GLY B 223 16.45 18.09 -5.51
C GLY B 223 15.64 18.18 -4.24
N SER B 224 15.54 17.07 -3.49
CA SER B 224 14.71 17.03 -2.30
C SER B 224 15.48 17.34 -1.02
N THR B 225 16.78 17.10 -1.02
CA THR B 225 17.60 17.39 0.15
C THR B 225 18.08 18.84 0.13
N LYS B 226 18.72 19.24 1.21
CA LYS B 226 19.32 20.56 1.34
C LYS B 226 20.81 20.41 1.65
N ASP B 227 21.64 21.19 0.94
CA ASP B 227 23.08 21.24 1.19
C ASP B 227 23.72 19.86 1.01
N VAL B 228 23.32 19.16 -0.04
CA VAL B 228 23.90 17.84 -0.36
C VAL B 228 24.21 17.81 -1.85
N LYS B 229 25.49 17.64 -2.18
CA LYS B 229 25.91 17.39 -3.55
C LYS B 229 25.77 15.91 -3.87
N VAL B 230 25.19 15.62 -5.03
CA VAL B 230 24.97 14.25 -5.46
C VAL B 230 25.78 14.02 -6.73
N PHE B 231 26.66 13.02 -6.70
CA PHE B 231 27.47 12.64 -7.84
C PHE B 231 27.04 11.26 -8.32
N LEU B 232 27.08 11.05 -9.64
CA LEU B 232 26.75 9.77 -10.25
C LEU B 232 27.86 9.37 -11.21
N ASN B 233 28.59 8.32 -10.87
CA ASN B 233 29.76 7.89 -11.64
C ASN B 233 30.76 9.02 -11.80
N GLY B 234 31.00 9.75 -10.71
CA GLY B 234 31.91 10.86 -10.71
C GLY B 234 31.38 12.13 -11.33
N ASN B 235 30.13 12.14 -11.79
CA ASN B 235 29.55 13.31 -12.44
C ASN B 235 28.58 14.00 -11.49
N LYS B 236 28.80 15.29 -11.27
CA LYS B 236 27.93 16.08 -10.40
C LYS B 236 26.59 16.32 -11.05
N LEU B 237 25.52 16.18 -10.27
CA LEU B 237 24.18 16.43 -10.78
C LEU B 237 23.87 17.92 -10.62
N PRO B 238 23.57 18.63 -11.70
CA PRO B 238 23.40 20.10 -11.61
C PRO B 238 22.04 20.52 -11.07
N VAL B 239 21.81 20.26 -9.79
CA VAL B 239 20.57 20.61 -9.12
C VAL B 239 20.90 21.40 -7.85
N LYS B 240 20.27 22.55 -7.70
CA LYS B 240 20.45 23.43 -6.53
C LYS B 240 19.07 23.86 -6.06
N GLY B 241 18.50 23.10 -5.14
CA GLY B 241 17.20 23.42 -4.58
C GLY B 241 16.06 22.73 -5.29
N PHE B 242 14.90 22.71 -4.62
CA PHE B 242 13.75 21.99 -5.14
C PHE B 242 13.14 22.69 -6.35
N ARG B 243 13.22 24.02 -6.42
CA ARG B 243 12.60 24.75 -7.52
C ARG B 243 13.30 24.44 -8.84
N SER B 244 14.63 24.39 -8.84
CA SER B 244 15.37 24.04 -10.05
C SER B 244 15.10 22.61 -10.48
N TYR B 245 14.86 21.71 -9.51
CA TYR B 245 14.51 20.34 -9.84
C TYR B 245 13.17 20.29 -10.58
N VAL B 246 12.17 21.01 -10.08
CA VAL B 246 10.85 21.02 -10.70
C VAL B 246 10.93 21.54 -12.14
N ASP B 247 11.81 22.52 -12.38
CA ASP B 247 11.95 23.08 -13.73
C ASP B 247 12.41 22.02 -14.73
N MET B 248 13.25 21.08 -14.30
CA MET B 248 13.68 20.00 -15.19
C MET B 248 12.51 19.20 -15.75
N TYR B 249 11.37 19.22 -15.07
CA TYR B 249 10.19 18.53 -15.58
C TYR B 249 9.42 19.37 -16.58
N LEU B 250 9.33 20.68 -16.34
CA LEU B 250 8.46 21.51 -17.16
C LEU B 250 9.19 22.15 -18.33
N LYS B 251 10.47 22.46 -18.19
CA LYS B 251 11.29 23.02 -19.26
C LYS B 251 10.60 24.02 -20.18
N ASP B 252 9.80 24.90 -19.61
CA ASP B 252 9.11 25.94 -20.37
C ASP B 252 8.20 25.32 -21.44
N LYS B 253 7.87 24.05 -21.29
CA LYS B 253 7.00 23.37 -22.23
C LYS B 253 5.59 23.96 -22.17
N LEU B 254 4.83 23.70 -23.22
CA LEU B 254 3.58 24.40 -23.46
C LEU B 254 2.38 23.50 -23.23
N ASP B 255 1.27 24.13 -22.86
CA ASP B 255 -0.02 23.47 -22.77
C ASP B 255 -0.56 23.19 -24.17
N GLU B 256 -1.78 22.65 -24.23
CA GLU B 256 -2.37 22.30 -25.52
C GLU B 256 -2.57 23.51 -26.41
N THR B 257 -2.80 24.68 -25.82
CA THR B 257 -3.04 25.89 -26.60
C THR B 257 -1.76 26.50 -27.15
N GLY B 258 -0.62 26.24 -26.54
CA GLY B 258 0.64 26.78 -27.01
C GLY B 258 1.33 27.75 -26.06
N ASN B 259 0.75 28.03 -24.90
CA ASN B 259 1.35 28.94 -23.94
C ASN B 259 2.23 28.18 -22.96
N SER B 260 3.32 28.82 -22.54
CA SER B 260 4.23 28.21 -21.59
C SER B 260 3.53 27.99 -20.25
N LEU B 261 3.86 26.88 -19.60
CA LEU B 261 3.20 26.54 -18.35
C LEU B 261 3.57 27.53 -17.25
N LYS B 262 2.54 28.10 -16.61
CA LYS B 262 2.74 29.02 -15.51
C LYS B 262 2.94 28.25 -14.21
N VAL B 263 3.98 28.62 -13.46
CA VAL B 263 4.40 27.89 -12.27
C VAL B 263 4.27 28.81 -11.07
N ILE B 264 3.55 28.36 -10.05
CA ILE B 264 3.38 29.09 -8.80
C ILE B 264 4.20 28.36 -7.75
N HIS B 265 5.08 29.10 -7.07
CA HIS B 265 6.01 28.49 -6.13
C HIS B 265 6.03 29.27 -4.83
N GLU B 266 6.19 28.55 -3.72
CA GLU B 266 6.42 29.15 -2.42
C GLU B 266 7.15 28.16 -1.53
N GLN B 267 8.27 28.60 -0.95
CA GLN B 267 8.92 27.84 0.12
C GLN B 267 8.30 28.33 1.42
N VAL B 268 7.27 27.61 1.88
CA VAL B 268 6.46 28.08 3.01
C VAL B 268 7.30 28.17 4.27
N ASN B 269 8.13 27.16 4.54
CA ASN B 269 9.04 27.20 5.66
C ASN B 269 10.17 26.21 5.39
N HIS B 270 10.96 25.91 6.42
CA HIS B 270 12.11 25.03 6.30
C HIS B 270 11.73 23.57 6.09
N ARG B 271 10.44 23.23 6.12
CA ARG B 271 10.01 21.85 5.96
C ARG B 271 9.02 21.64 4.83
N TRP B 272 8.64 22.69 4.11
CA TRP B 272 7.66 22.58 3.04
C TRP B 272 8.05 23.47 1.87
N GLU B 273 8.04 22.91 0.66
CA GLU B 273 8.26 23.65 -0.56
C GLU B 273 7.31 23.11 -1.62
N VAL B 274 6.55 24.00 -2.26
CA VAL B 274 5.44 23.61 -3.13
C VAL B 274 5.54 24.35 -4.46
N CYS B 275 5.30 23.61 -5.55
CA CYS B 275 5.18 24.17 -6.90
C CYS B 275 3.87 23.70 -7.51
N LEU B 276 3.15 24.62 -8.16
CA LEU B 276 1.87 24.32 -8.77
C LEU B 276 1.87 24.83 -10.21
N THR B 277 1.54 23.93 -11.14
CA THR B 277 1.37 24.30 -12.55
C THR B 277 0.10 23.64 -13.06
N MET B 278 -0.04 23.57 -14.38
CA MET B 278 -1.24 23.04 -15.02
C MET B 278 -0.99 21.62 -15.51
N SER B 279 -2.03 20.79 -15.42
CA SER B 279 -1.97 19.41 -15.85
C SER B 279 -3.05 19.17 -16.89
N GLU B 280 -2.71 18.46 -17.95
CA GLU B 280 -3.63 18.15 -19.03
C GLU B 280 -3.98 16.67 -19.09
N LYS B 281 -3.59 15.89 -18.09
CA LYS B 281 -3.86 14.46 -18.05
C LYS B 281 -4.52 14.06 -16.74
N GLY B 282 -5.30 14.98 -16.15
CA GLY B 282 -5.85 14.76 -14.84
C GLY B 282 -4.92 15.22 -13.74
N PHE B 283 -5.32 14.93 -12.50
CA PHE B 283 -4.52 15.34 -11.35
C PHE B 283 -3.19 14.60 -11.34
N GLN B 284 -2.10 15.37 -11.30
CA GLN B 284 -0.76 14.82 -11.20
C GLN B 284 -0.11 15.34 -9.92
N GLN B 285 0.68 14.48 -9.28
CA GLN B 285 1.45 14.89 -8.11
C GLN B 285 2.82 14.24 -8.18
N ILE B 286 3.84 15.03 -7.83
CA ILE B 286 5.19 14.54 -7.64
C ILE B 286 5.62 15.04 -6.27
N SER B 287 5.79 14.12 -5.32
CA SER B 287 5.96 14.51 -3.94
C SER B 287 7.07 13.69 -3.30
N PHE B 288 7.61 14.25 -2.22
CA PHE B 288 8.65 13.61 -1.43
C PHE B 288 8.36 13.86 0.04
N VAL B 289 8.51 12.82 0.84
CA VAL B 289 8.45 12.93 2.29
C VAL B 289 9.77 12.42 2.83
N ASN B 290 10.53 13.31 3.48
CA ASN B 290 11.84 12.95 4.01
C ASN B 290 12.69 12.31 2.91
N SER B 291 12.58 12.86 1.71
CA SER B 291 13.28 12.47 0.49
C SER B 291 12.79 11.14 -0.08
N ILE B 292 11.72 10.57 0.46
CA ILE B 292 11.12 9.38 -0.11
C ILE B 292 10.16 9.81 -1.22
N ALA B 293 10.27 9.17 -2.37
CA ALA B 293 9.36 9.46 -3.47
C ALA B 293 8.03 8.80 -3.13
N THR B 294 7.05 9.61 -2.71
CA THR B 294 5.73 9.11 -2.34
C THR B 294 4.88 9.07 -3.60
N SER B 295 5.12 8.02 -4.41
CA SER B 295 4.52 7.92 -5.73
C SER B 295 3.03 7.64 -5.70
N LYS B 296 2.48 7.23 -4.56
CA LYS B 296 1.04 7.09 -4.42
C LYS B 296 0.42 8.25 -3.65
N GLY B 297 1.21 9.26 -3.31
CA GLY B 297 0.70 10.44 -2.66
C GLY B 297 0.67 10.35 -1.16
N GLY B 298 -0.39 10.87 -0.54
CA GLY B 298 -0.52 10.83 0.90
C GLY B 298 -1.10 12.10 1.48
N ARG B 299 -1.24 12.14 2.80
CA ARG B 299 -1.92 13.27 3.44
C ARG B 299 -1.12 14.56 3.36
N HIS B 300 0.19 14.48 3.08
CA HIS B 300 0.95 15.70 2.83
C HIS B 300 0.52 16.36 1.53
N VAL B 301 0.18 15.56 0.52
CA VAL B 301 -0.29 16.13 -0.73
C VAL B 301 -1.71 16.68 -0.58
N ASP B 302 -2.59 15.89 0.05
CA ASP B 302 -3.95 16.39 0.32
C ASP B 302 -3.91 17.66 1.15
N TYR B 303 -3.01 17.73 2.14
CA TYR B 303 -2.95 18.90 3.01
C TYR B 303 -2.64 20.15 2.21
N VAL B 304 -1.80 20.04 1.19
CA VAL B 304 -1.45 21.19 0.35
C VAL B 304 -2.48 21.41 -0.75
N ALA B 305 -2.86 20.34 -1.46
CA ALA B 305 -3.74 20.50 -2.62
C ALA B 305 -5.13 20.96 -2.21
N ASP B 306 -5.63 20.49 -1.07
CA ASP B 306 -6.99 20.85 -0.67
C ASP B 306 -7.09 22.32 -0.27
N GLN B 307 -5.98 22.93 0.18
CA GLN B 307 -5.98 24.36 0.41
C GLN B 307 -6.25 25.11 -0.89
N ILE B 308 -5.57 24.70 -1.97
CA ILE B 308 -5.78 25.33 -3.27
C ILE B 308 -7.20 25.09 -3.75
N VAL B 309 -7.68 23.85 -3.60
CA VAL B 309 -9.00 23.49 -4.12
C VAL B 309 -10.09 24.29 -3.42
N THR B 310 -10.02 24.37 -2.08
CA THR B 310 -11.04 25.09 -1.32
C THR B 310 -11.11 26.56 -1.74
N LYS B 311 -9.95 27.19 -1.92
CA LYS B 311 -9.95 28.60 -2.33
C LYS B 311 -10.47 28.77 -3.75
N LEU B 312 -10.11 27.87 -4.67
CA LEU B 312 -10.60 27.98 -6.04
C LEU B 312 -12.08 27.70 -6.13
N VAL B 313 -12.60 26.80 -5.30
CA VAL B 313 -14.05 26.56 -5.25
C VAL B 313 -14.77 27.78 -4.71
N ASP B 314 -14.18 28.46 -3.73
CA ASP B 314 -14.78 29.66 -3.17
C ASP B 314 -14.95 30.76 -4.20
N VAL B 315 -14.05 30.81 -5.19
CA VAL B 315 -14.10 31.88 -6.19
C VAL B 315 -15.18 31.62 -7.24
N VAL B 316 -15.27 30.38 -7.74
CA VAL B 316 -16.26 30.07 -8.77
C VAL B 316 -17.68 30.19 -8.25
N LYS B 317 -17.88 30.10 -6.94
CA LYS B 317 -19.22 30.27 -6.38
C LYS B 317 -19.63 31.74 -6.32
N LYS B 318 -18.67 32.63 -6.05
CA LYS B 318 -18.96 34.07 -6.09
C LYS B 318 -19.47 34.50 -7.46
N LYS B 319 -18.87 33.98 -8.52
CA LYS B 319 -19.28 34.29 -9.90
C LYS B 319 -20.33 33.32 -10.44
N ASN B 320 -21.26 32.88 -9.58
CA ASN B 320 -22.37 32.05 -10.03
C ASN B 320 -23.56 32.18 -9.08
N ALA B 325 -22.36 24.20 -7.31
CA ALA B 325 -22.49 23.39 -8.52
C ALA B 325 -21.15 22.79 -8.93
N VAL B 326 -20.06 23.37 -8.41
CA VAL B 326 -18.72 22.90 -8.72
C VAL B 326 -18.32 21.83 -7.72
N LYS B 327 -17.53 20.87 -8.18
CA LYS B 327 -17.03 19.80 -7.33
C LYS B 327 -15.51 19.88 -7.25
N ALA B 328 -14.97 19.35 -6.15
CA ALA B 328 -13.54 19.46 -5.88
C ALA B 328 -12.69 18.70 -6.87
N HIS B 329 -13.18 17.56 -7.37
CA HIS B 329 -12.38 16.75 -8.28
C HIS B 329 -12.17 17.43 -9.62
N GLN B 330 -13.13 18.25 -10.07
CA GLN B 330 -12.97 18.95 -11.33
C GLN B 330 -11.88 20.02 -11.24
N VAL B 331 -11.75 20.65 -10.08
CA VAL B 331 -10.66 21.62 -9.89
C VAL B 331 -9.33 20.88 -9.78
N LYS B 332 -9.34 19.72 -9.11
CA LYS B 332 -8.10 19.00 -8.86
C LYS B 332 -7.53 18.40 -10.14
N ASN B 333 -8.39 18.01 -11.08
CA ASN B 333 -7.93 17.37 -12.32
C ASN B 333 -7.23 18.33 -13.27
N HIS B 334 -7.16 19.62 -12.94
CA HIS B 334 -6.39 20.59 -13.71
C HIS B 334 -5.07 20.93 -13.03
N MET B 335 -4.75 20.27 -11.92
CA MET B 335 -3.60 20.64 -11.10
C MET B 335 -2.47 19.63 -11.28
N TRP B 336 -1.24 20.15 -11.32
CA TRP B 336 -0.03 19.35 -11.27
C TRP B 336 0.84 19.95 -10.18
N ILE B 337 0.96 19.26 -9.05
CA ILE B 337 1.54 19.81 -7.84
C ILE B 337 2.83 19.08 -7.51
N PHE B 338 3.80 19.83 -7.00
CA PHE B 338 5.08 19.30 -6.53
C PHE B 338 5.23 19.66 -5.06
N VAL B 339 5.52 18.67 -4.21
CA VAL B 339 5.62 18.88 -2.77
C VAL B 339 6.87 18.21 -2.26
N ASN B 340 7.72 18.98 -1.56
CA ASN B 340 8.87 18.45 -0.85
C ASN B 340 8.65 18.75 0.62
N ALA B 341 8.44 17.70 1.41
CA ALA B 341 8.02 17.87 2.80
C ALA B 341 8.95 17.09 3.72
N LEU B 342 9.14 17.64 4.92
CA LEU B 342 9.79 16.96 6.02
C LEU B 342 8.73 16.69 7.09
N ILE B 343 8.46 15.42 7.36
CA ILE B 343 7.39 15.00 8.25
C ILE B 343 7.98 14.23 9.42
N GLU B 344 7.52 14.53 10.63
CA GLU B 344 7.99 13.83 11.82
C GLU B 344 7.34 12.44 11.91
N ASN B 345 8.18 11.43 12.13
CA ASN B 345 7.80 10.04 12.31
C ASN B 345 6.63 9.63 11.41
N PRO B 346 6.78 9.72 10.09
CA PRO B 346 5.66 9.42 9.20
C PRO B 346 5.28 7.94 9.24
N THR B 347 4.03 7.69 8.84
CA THR B 347 3.54 6.34 8.63
C THR B 347 3.18 6.15 7.16
N PHE B 348 3.22 4.90 6.71
CA PHE B 348 2.96 4.54 5.32
C PHE B 348 2.17 3.24 5.28
N ASP B 349 1.58 2.93 4.11
CA ASP B 349 0.81 1.71 3.94
C ASP B 349 1.70 0.46 3.93
N SER B 350 2.96 0.61 3.51
CA SER B 350 3.82 -0.54 3.28
C SER B 350 5.28 -0.14 3.44
N GLN B 351 6.14 -1.15 3.39
CA GLN B 351 7.57 -0.90 3.49
C GLN B 351 8.07 -0.04 2.33
N THR B 352 7.41 -0.11 1.17
CA THR B 352 7.85 0.66 0.02
C THR B 352 7.59 2.16 0.21
N LYS B 353 6.72 2.53 1.14
CA LYS B 353 6.51 3.92 1.54
CA LYS B 353 6.52 3.92 1.54
C LYS B 353 6.09 4.80 0.37
N GLU B 354 5.20 4.27 -0.47
CA GLU B 354 4.69 5.04 -1.59
C GLU B 354 3.50 5.92 -1.21
N ASN B 355 2.82 5.63 -0.09
CA ASN B 355 1.67 6.41 0.35
C ASN B 355 1.84 6.79 1.82
N MET B 356 1.93 8.08 2.10
CA MET B 356 2.20 8.57 3.44
C MET B 356 0.88 8.87 4.15
N THR B 357 0.59 8.12 5.20
CA THR B 357 -0.74 8.06 5.81
C THR B 357 -0.90 8.91 7.06
N LEU B 358 0.15 9.57 7.51
CA LEU B 358 0.09 10.30 8.78
C LEU B 358 -0.86 11.48 8.70
N GLN B 359 -1.68 11.64 9.73
CA GLN B 359 -2.61 12.76 9.78
C GLN B 359 -1.87 14.07 9.99
N PRO B 360 -2.36 15.17 9.41
CA PRO B 360 -1.67 16.47 9.52
C PRO B 360 -1.41 16.93 10.96
N LYS B 361 -2.26 16.56 11.90
CA LYS B 361 -2.05 17.00 13.28
C LYS B 361 -0.79 16.41 13.90
N SER B 362 -0.22 15.37 13.30
CA SER B 362 1.01 14.78 13.80
C SER B 362 2.23 15.14 12.95
N PHE B 363 2.06 16.03 11.97
CA PHE B 363 3.16 16.36 11.05
C PHE B 363 4.37 16.92 11.79
N GLY B 364 4.16 17.67 12.86
CA GLY B 364 5.23 18.40 13.50
C GLY B 364 5.47 19.79 12.94
N SER B 365 4.76 20.17 11.90
CA SER B 365 4.85 21.49 11.29
C SER B 365 3.55 21.76 10.55
N THR B 366 3.41 22.98 10.05
CA THR B 366 2.27 23.39 9.25
C THR B 366 2.76 23.88 7.90
N CYS B 367 1.83 23.99 6.95
CA CYS B 367 2.13 24.44 5.59
C CYS B 367 0.91 25.21 5.09
N GLN B 368 0.74 26.42 5.60
CA GLN B 368 -0.36 27.28 5.20
C GLN B 368 0.12 28.20 4.07
N LEU B 369 -0.46 28.03 2.88
CA LEU B 369 -0.02 28.78 1.72
C LEU B 369 -0.31 30.27 1.89
N SER B 370 0.65 31.09 1.47
CA SER B 370 0.49 32.54 1.58
C SER B 370 -0.65 33.02 0.68
N GLU B 371 -1.24 34.16 1.05
CA GLU B 371 -2.28 34.75 0.23
C GLU B 371 -1.76 35.18 -1.14
N LYS B 372 -0.46 35.47 -1.25
CA LYS B 372 0.12 35.74 -2.57
C LYS B 372 0.11 34.49 -3.44
N PHE B 373 0.56 33.36 -2.86
CA PHE B 373 0.51 32.09 -3.58
C PHE B 373 -0.92 31.77 -4.01
N ILE B 374 -1.87 31.92 -3.08
CA ILE B 374 -3.27 31.65 -3.40
C ILE B 374 -3.75 32.58 -4.51
N LYS B 375 -3.46 33.87 -4.39
CA LYS B 375 -3.85 34.83 -5.43
C LYS B 375 -3.21 34.48 -6.76
N ALA B 376 -1.95 34.03 -6.74
CA ALA B 376 -1.31 33.60 -7.97
C ALA B 376 -1.97 32.35 -8.54
N ALA B 377 -2.57 31.54 -7.67
CA ALA B 377 -3.31 30.36 -8.13
C ALA B 377 -4.70 30.74 -8.62
N ILE B 378 -5.28 31.81 -8.08
CA ILE B 378 -6.56 32.30 -8.56
C ILE B 378 -6.45 32.81 -10.00
N GLY B 379 -5.26 33.23 -10.41
CA GLY B 379 -5.08 33.81 -11.72
C GLY B 379 -4.58 32.89 -12.80
N CYS B 380 -4.50 31.59 -12.55
CA CYS B 380 -4.18 30.65 -13.60
C CYS B 380 -5.47 30.23 -14.30
N GLY B 381 -5.32 29.55 -15.44
CA GLY B 381 -6.47 29.14 -16.23
C GLY B 381 -7.41 28.16 -15.56
N ILE B 382 -7.07 27.67 -14.37
CA ILE B 382 -7.92 26.67 -13.71
C ILE B 382 -9.29 27.26 -13.39
N VAL B 383 -9.32 28.43 -12.73
CA VAL B 383 -10.61 29.07 -12.47
C VAL B 383 -11.28 29.47 -13.77
N GLU B 384 -10.48 29.97 -14.73
CA GLU B 384 -11.04 30.40 -16.01
C GLU B 384 -11.60 29.23 -16.80
N SER B 385 -10.90 28.08 -16.82
CA SER B 385 -11.41 26.92 -17.54
C SER B 385 -12.64 26.31 -16.89
N ILE B 386 -12.91 26.63 -15.63
CA ILE B 386 -14.08 26.11 -14.93
C ILE B 386 -15.26 27.08 -14.99
N LEU B 387 -14.98 28.38 -14.95
CA LEU B 387 -16.07 29.36 -14.95
C LEU B 387 -16.89 29.29 -16.23
N ASN B 388 -16.24 29.03 -17.36
CA ASN B 388 -16.96 28.90 -18.62
C ASN B 388 -17.69 27.57 -18.75
N TRP B 389 -17.25 26.53 -18.06
CA TRP B 389 -17.91 25.23 -18.15
C TRP B 389 -19.22 25.22 -17.37
N VAL B 390 -19.25 25.81 -16.17
CA VAL B 390 -20.48 25.86 -15.41
C VAL B 390 -21.49 26.81 -16.07
N LYS B 391 -21.01 27.84 -16.76
CA LYS B 391 -21.88 28.75 -17.48
C LYS B 391 -22.60 28.03 -18.62
#